data_5VAZ
#
_entry.id   5VAZ
#
_cell.length_a   142.300
_cell.length_b   142.300
_cell.length_c   106.460
_cell.angle_alpha   90.000
_cell.angle_beta   90.000
_cell.angle_gamma   120.000
#
_symmetry.space_group_name_H-M   'P 32 2 1'
#
loop_
_entity.id
_entity.type
_entity.pdbx_description
1 polymer 'DNA primase'
2 non-polymer 'SULFATE ION'
3 water water
#
_entity_poly.entity_id   1
_entity_poly.type   'polypeptide(L)'
_entity_poly.pdbx_seq_one_letter_code
;MAHHHHHHGHTPRQPTDSPLYPLLSAAAEFYKQALKSHPARKAAVNYLKGRGLTGEIARDFGLGFAPPGWDNLLKHLGGD
NLQLKAMLDAGLLVENSDTGKRYDRFRDRVMFPIRDSRGRIIAFGGRVLGDDKPKYLNSPETPVFHKGQELYGLYEARQK
NRDLDEIMVVEGYMDVIALAQQGIRNAVATLGTATSEEHIKRLFRLVPSILFCFDGDQAGRKAAWRALESVLPNLQDGKR
VRFLFLPEGEDPDSLVRAEGEDAFRARITQQAQPLAEYFFQQLMLEADPATLEGKAHLATLAAPLLEKIPGNNLRLLMRQ
RLSEITGLSGENIGQLAHHSPPPSSMDHGASGVLDGDDYFAASAYYENEPSHAPFDAAPGYVEAQPRKS
;
_entity_poly.pdbx_strand_id   A,B
#
# COMPACT_ATOMS: atom_id res chain seq x y z
N ASP A 17 -7.66 -16.90 24.21
CA ASP A 17 -7.60 -18.32 24.55
C ASP A 17 -8.78 -18.71 25.45
N SER A 18 -9.89 -19.06 24.81
CA SER A 18 -11.17 -19.41 25.42
C SER A 18 -11.42 -20.92 25.31
N PRO A 19 -12.47 -21.43 25.97
CA PRO A 19 -12.70 -22.89 25.91
C PRO A 19 -13.34 -23.39 24.63
N LEU A 20 -13.83 -22.51 23.76
CA LEU A 20 -14.40 -22.97 22.51
C LEU A 20 -13.35 -23.54 21.56
N TYR A 21 -12.12 -23.00 21.60
CA TYR A 21 -11.08 -23.44 20.67
C TYR A 21 -10.80 -24.93 20.76
N PRO A 22 -10.56 -25.54 21.94
CA PRO A 22 -10.26 -26.98 21.93
C PRO A 22 -11.42 -27.83 21.43
N LEU A 23 -12.65 -27.44 21.75
CA LEU A 23 -13.81 -28.17 21.25
C LEU A 23 -13.87 -28.11 19.73
N LEU A 24 -13.75 -26.90 19.17
CA LEU A 24 -13.70 -26.75 17.72
C LEU A 24 -12.55 -27.55 17.14
N SER A 25 -11.38 -27.51 17.79
CA SER A 25 -10.24 -28.27 17.29
C SER A 25 -10.52 -29.76 17.35
N ALA A 26 -11.10 -30.23 18.45
CA ALA A 26 -11.47 -31.65 18.55
C ALA A 26 -12.53 -32.02 17.53
N ALA A 27 -13.53 -31.16 17.33
CA ALA A 27 -14.53 -31.40 16.30
C ALA A 27 -13.88 -31.62 14.94
N ALA A 28 -12.96 -30.73 14.56
CA ALA A 28 -12.28 -30.86 13.28
C ALA A 28 -11.50 -32.16 13.20
N GLU A 29 -10.76 -32.51 14.27
CA GLU A 29 -10.05 -33.79 14.27
C GLU A 29 -11.01 -34.95 14.10
N PHE A 30 -12.21 -34.85 14.67
CA PHE A 30 -13.20 -35.90 14.49
C PHE A 30 -13.68 -35.97 13.05
N TYR A 31 -13.99 -34.83 12.45
CA TYR A 31 -14.58 -34.82 11.12
C TYR A 31 -13.62 -35.31 10.05
N LYS A 32 -12.34 -34.97 10.17
CA LYS A 32 -11.40 -35.46 9.16
C LYS A 32 -11.02 -36.91 9.40
N GLN A 33 -11.00 -37.35 10.67
CA GLN A 33 -10.69 -38.75 10.94
C GLN A 33 -11.84 -39.66 10.50
N ALA A 34 -13.07 -39.15 10.50
CA ALA A 34 -14.18 -39.90 9.92
C ALA A 34 -14.11 -39.90 8.41
N LEU A 35 -13.67 -38.79 7.80
CA LEU A 35 -13.45 -38.78 6.36
C LEU A 35 -12.52 -39.91 5.95
N LYS A 36 -11.51 -40.20 6.77
CA LYS A 36 -10.56 -41.26 6.46
C LYS A 36 -11.20 -42.63 6.64
N SER A 37 -11.69 -42.94 7.83
CA SER A 37 -11.98 -44.31 8.22
C SER A 37 -13.37 -44.43 8.88
N HIS A 38 -14.40 -43.91 8.21
CA HIS A 38 -15.74 -44.10 8.75
C HIS A 38 -16.58 -44.94 7.79
N PRO A 39 -17.46 -45.80 8.31
CA PRO A 39 -18.28 -46.65 7.42
C PRO A 39 -18.98 -45.91 6.29
N ALA A 40 -19.58 -44.76 6.58
CA ALA A 40 -20.31 -44.02 5.56
C ALA A 40 -19.41 -43.16 4.67
N ARG A 41 -18.09 -43.37 4.72
CA ARG A 41 -17.16 -42.51 4.00
C ARG A 41 -17.39 -42.52 2.50
N LYS A 42 -18.02 -43.58 1.96
CA LYS A 42 -18.07 -43.77 0.51
C LYS A 42 -18.62 -42.53 -0.21
N ALA A 43 -19.78 -42.04 0.21
CA ALA A 43 -20.38 -40.89 -0.46
C ALA A 43 -19.47 -39.66 -0.38
N ALA A 44 -18.86 -39.43 0.79
CA ALA A 44 -18.03 -38.25 0.97
C ALA A 44 -16.75 -38.32 0.14
N VAL A 45 -15.96 -39.38 0.34
CA VAL A 45 -14.68 -39.50 -0.37
C VAL A 45 -14.90 -39.47 -1.89
N ASN A 46 -16.06 -39.96 -2.35
CA ASN A 46 -16.35 -39.90 -3.78
C ASN A 46 -16.56 -38.46 -4.25
N TYR A 47 -17.16 -37.61 -3.41
CA TYR A 47 -17.27 -36.20 -3.76
C TYR A 47 -15.90 -35.56 -3.92
N LEU A 48 -15.02 -35.75 -2.92
CA LEU A 48 -13.68 -35.16 -2.99
C LEU A 48 -12.87 -35.75 -4.14
N LYS A 49 -12.89 -37.08 -4.30
CA LYS A 49 -12.24 -37.68 -5.46
C LYS A 49 -12.87 -37.20 -6.75
N GLY A 50 -14.21 -37.15 -6.80
CA GLY A 50 -14.92 -36.64 -7.95
C GLY A 50 -14.66 -35.19 -8.27
N ARG A 51 -13.82 -34.51 -7.47
CA ARG A 51 -13.44 -33.12 -7.73
C ARG A 51 -11.93 -32.90 -7.62
N GLY A 52 -11.14 -33.96 -7.59
CA GLY A 52 -9.69 -33.80 -7.47
C GLY A 52 -9.26 -33.16 -6.17
N LEU A 53 -10.08 -33.26 -5.13
CA LEU A 53 -9.78 -32.63 -3.87
C LEU A 53 -9.01 -33.54 -2.93
N THR A 54 -8.56 -34.69 -3.42
CA THR A 54 -7.86 -35.64 -2.58
C THR A 54 -6.44 -35.19 -2.29
N GLY A 55 -5.89 -35.72 -1.20
CA GLY A 55 -4.50 -35.50 -0.85
C GLY A 55 -4.14 -34.07 -0.56
N GLU A 56 -3.50 -33.41 -1.52
CA GLU A 56 -2.94 -32.08 -1.29
C GLU A 56 -4.01 -31.10 -0.83
N ILE A 57 -5.03 -30.87 -1.65
CA ILE A 57 -6.01 -29.82 -1.37
C ILE A 57 -6.76 -30.13 -0.08
N ALA A 58 -7.12 -31.40 0.13
CA ALA A 58 -7.89 -31.77 1.32
C ALA A 58 -7.11 -31.48 2.59
N ARG A 59 -5.79 -31.71 2.55
CA ARG A 59 -4.95 -31.44 3.71
C ARG A 59 -4.81 -29.94 3.97
N ASP A 60 -4.64 -29.16 2.90
CA ASP A 60 -4.49 -27.71 3.03
C ASP A 60 -5.72 -27.08 3.70
N PHE A 61 -6.91 -27.60 3.41
CA PHE A 61 -8.14 -27.04 3.95
C PHE A 61 -8.76 -27.90 5.04
N GLY A 62 -8.04 -28.91 5.52
CA GLY A 62 -8.52 -29.72 6.64
C GLY A 62 -9.90 -30.31 6.44
N LEU A 63 -10.20 -30.75 5.23
CA LEU A 63 -11.55 -31.24 4.92
C LEU A 63 -11.90 -32.45 5.78
N GLY A 64 -13.17 -32.52 6.19
CA GLY A 64 -13.63 -33.65 6.97
C GLY A 64 -15.00 -34.15 6.57
N PHE A 65 -15.56 -35.03 7.39
CA PHE A 65 -16.84 -35.68 7.09
C PHE A 65 -17.67 -35.74 8.36
N ALA A 66 -18.87 -35.15 8.32
CA ALA A 66 -19.82 -35.32 9.41
C ALA A 66 -20.73 -36.50 9.07
N PRO A 67 -20.66 -37.62 9.77
CA PRO A 67 -21.46 -38.79 9.40
C PRO A 67 -22.93 -38.54 9.61
N PRO A 68 -23.80 -39.35 8.99
CA PRO A 68 -25.25 -39.13 9.15
C PRO A 68 -25.73 -39.46 10.55
N GLY A 69 -26.71 -38.68 11.01
CA GLY A 69 -27.29 -38.89 12.32
C GLY A 69 -27.26 -37.62 13.16
N TRP A 70 -27.92 -37.72 14.32
CA TRP A 70 -28.17 -36.56 15.16
C TRP A 70 -27.10 -36.29 16.19
N ASP A 71 -26.31 -37.29 16.60
CA ASP A 71 -25.49 -37.08 17.80
C ASP A 71 -24.10 -37.70 17.70
N ASN A 72 -23.54 -37.80 16.49
CA ASN A 72 -22.20 -38.36 16.33
C ASN A 72 -21.16 -37.56 17.10
N LEU A 73 -21.12 -36.24 16.88
CA LEU A 73 -20.18 -35.41 17.63
C LEU A 73 -20.58 -35.30 19.10
N LEU A 74 -21.88 -35.33 19.39
CA LEU A 74 -22.35 -35.36 20.77
C LEU A 74 -21.86 -36.61 21.50
N LYS A 75 -22.19 -37.79 20.97
CA LYS A 75 -21.79 -39.03 21.62
C LYS A 75 -20.29 -39.24 21.58
N HIS A 76 -19.56 -38.50 20.74
CA HIS A 76 -18.11 -38.65 20.67
C HIS A 76 -17.37 -37.68 21.59
N LEU A 77 -17.87 -36.46 21.76
CA LEU A 77 -17.28 -35.49 22.68
C LEU A 77 -17.90 -35.54 24.06
N GLY A 78 -19.23 -35.66 24.15
CA GLY A 78 -19.86 -35.76 25.46
C GLY A 78 -19.62 -34.52 26.29
N GLY A 79 -19.45 -34.73 27.59
CA GLY A 79 -19.20 -33.66 28.53
C GLY A 79 -20.38 -33.47 29.48
N ASP A 80 -20.10 -32.70 30.53
CA ASP A 80 -21.15 -32.29 31.44
C ASP A 80 -21.92 -31.14 30.79
N ASN A 81 -22.86 -30.55 31.54
CA ASN A 81 -23.70 -29.50 30.96
C ASN A 81 -22.89 -28.24 30.64
N LEU A 82 -21.78 -28.01 31.36
CA LEU A 82 -20.94 -26.86 31.01
C LEU A 82 -20.20 -27.09 29.70
N GLN A 83 -19.64 -28.29 29.52
CA GLN A 83 -19.04 -28.60 28.22
C GLN A 83 -20.08 -28.54 27.12
N LEU A 84 -21.29 -29.04 27.39
CA LEU A 84 -22.35 -29.02 26.37
C LEU A 84 -22.72 -27.59 25.99
N LYS A 85 -22.80 -26.69 26.97
CA LYS A 85 -23.08 -25.29 26.65
C LYS A 85 -21.97 -24.70 25.80
N ALA A 86 -20.72 -25.13 26.03
CA ALA A 86 -19.61 -24.63 25.23
C ALA A 86 -19.69 -25.16 23.80
N MET A 87 -20.13 -26.41 23.62
CA MET A 87 -20.31 -26.92 22.26
C MET A 87 -21.40 -26.15 21.55
N LEU A 88 -22.49 -25.84 22.25
CA LEU A 88 -23.56 -25.03 21.66
C LEU A 88 -23.05 -23.64 21.31
N ASP A 89 -22.35 -23.01 22.24
CA ASP A 89 -21.87 -21.66 22.01
C ASP A 89 -20.84 -21.61 20.90
N ALA A 90 -20.10 -22.70 20.70
CA ALA A 90 -19.17 -22.76 19.58
C ALA A 90 -19.87 -23.04 18.26
N GLY A 91 -21.19 -23.27 18.29
CA GLY A 91 -21.91 -23.56 17.08
C GLY A 91 -21.90 -25.02 16.66
N LEU A 92 -21.46 -25.93 17.53
CA LEU A 92 -21.40 -27.32 17.13
C LEU A 92 -22.70 -28.04 17.38
N LEU A 93 -23.57 -27.49 18.21
CA LEU A 93 -24.86 -28.09 18.49
C LEU A 93 -25.96 -27.11 18.09
N VAL A 94 -27.15 -27.66 17.89
CA VAL A 94 -28.38 -26.91 17.77
C VAL A 94 -29.22 -27.26 18.99
N GLU A 95 -29.81 -26.26 19.63
CA GLU A 95 -30.65 -26.48 20.80
C GLU A 95 -32.02 -25.88 20.56
N ASN A 96 -33.06 -26.68 20.75
CA ASN A 96 -34.42 -26.14 20.69
C ASN A 96 -34.63 -25.24 21.90
N SER A 97 -34.75 -23.94 21.66
CA SER A 97 -34.82 -23.00 22.77
C SER A 97 -36.09 -23.14 23.60
N ASP A 98 -36.97 -24.07 23.25
CA ASP A 98 -38.17 -24.34 24.03
C ASP A 98 -38.06 -25.63 24.85
N THR A 99 -37.60 -26.71 24.24
CA THR A 99 -37.56 -28.02 24.89
C THR A 99 -36.18 -28.38 25.42
N GLY A 100 -35.13 -27.71 24.96
CA GLY A 100 -33.78 -28.10 25.29
C GLY A 100 -33.25 -29.27 24.50
N LYS A 101 -34.08 -29.92 23.70
CA LYS A 101 -33.59 -30.97 22.81
C LYS A 101 -32.42 -30.44 22.00
N ARG A 102 -31.35 -31.22 21.93
CA ARG A 102 -30.11 -30.77 21.32
C ARG A 102 -29.55 -31.87 20.43
N TYR A 103 -28.79 -31.47 19.42
CA TYR A 103 -28.25 -32.40 18.43
C TYR A 103 -27.19 -31.70 17.62
N ASP A 104 -26.40 -32.50 16.87
CA ASP A 104 -25.33 -31.97 16.04
C ASP A 104 -25.88 -30.94 15.05
N ARG A 105 -25.20 -29.82 14.94
CA ARG A 105 -25.59 -28.86 13.90
C ARG A 105 -25.32 -29.42 12.52
N PHE A 106 -24.19 -30.09 12.36
CA PHE A 106 -23.71 -30.58 11.08
C PHE A 106 -23.89 -32.07 11.01
N ARG A 107 -24.76 -32.52 10.10
CA ARG A 107 -25.11 -33.92 9.98
C ARG A 107 -25.02 -34.32 8.51
N ASP A 108 -24.30 -35.42 8.25
CA ASP A 108 -24.21 -36.00 6.91
C ASP A 108 -23.74 -34.95 5.90
N ARG A 109 -22.51 -34.47 6.11
CA ARG A 109 -22.00 -33.38 5.30
C ARG A 109 -20.48 -33.46 5.18
N VAL A 110 -19.97 -32.93 4.06
CA VAL A 110 -18.56 -32.64 3.92
C VAL A 110 -18.23 -31.37 4.69
N MET A 111 -17.19 -31.41 5.51
CA MET A 111 -16.91 -30.37 6.49
C MET A 111 -15.78 -29.46 6.02
N PHE A 112 -16.00 -28.16 6.13
CA PHE A 112 -15.01 -27.13 5.81
C PHE A 112 -14.71 -26.34 7.07
N PRO A 113 -13.67 -26.71 7.82
CA PRO A 113 -13.28 -25.88 8.97
C PRO A 113 -12.79 -24.52 8.51
N ILE A 114 -13.06 -23.52 9.35
CA ILE A 114 -12.71 -22.12 9.11
C ILE A 114 -11.68 -21.72 10.14
N ARG A 115 -10.56 -21.15 9.70
CA ARG A 115 -9.49 -20.78 10.61
C ARG A 115 -9.29 -19.27 10.64
N ASP A 116 -8.87 -18.76 11.79
CA ASP A 116 -8.53 -17.36 11.96
C ASP A 116 -7.06 -17.12 11.57
N SER A 117 -6.61 -15.86 11.75
CA SER A 117 -5.23 -15.48 11.44
C SER A 117 -4.21 -16.46 11.98
N ARG A 118 -4.39 -16.93 13.21
CA ARG A 118 -3.40 -17.77 13.86
C ARG A 118 -3.56 -19.25 13.53
N GLY A 119 -4.49 -19.59 12.62
CA GLY A 119 -4.70 -20.98 12.26
C GLY A 119 -5.64 -21.75 13.16
N ARG A 120 -6.33 -21.06 14.06
CA ARG A 120 -7.24 -21.74 14.97
C ARG A 120 -8.58 -21.95 14.29
N ILE A 121 -9.09 -23.18 14.37
CA ILE A 121 -10.44 -23.47 13.89
C ILE A 121 -11.42 -22.66 14.72
N ILE A 122 -12.21 -21.81 14.06
CA ILE A 122 -13.19 -20.97 14.74
C ILE A 122 -14.62 -21.30 14.36
N ALA A 123 -14.84 -22.12 13.33
CA ALA A 123 -16.19 -22.41 12.86
C ALA A 123 -16.13 -23.43 11.72
N PHE A 124 -17.29 -23.73 11.12
CA PHE A 124 -17.39 -24.77 10.11
C PHE A 124 -18.40 -24.37 9.07
N GLY A 125 -18.13 -24.79 7.83
CA GLY A 125 -19.13 -24.87 6.81
C GLY A 125 -19.34 -26.34 6.47
N GLY A 126 -20.51 -26.65 5.95
CA GLY A 126 -20.78 -28.04 5.61
C GLY A 126 -21.65 -28.18 4.39
N ARG A 127 -21.27 -29.06 3.47
CA ARG A 127 -22.06 -29.32 2.27
C ARG A 127 -22.78 -30.64 2.43
N VAL A 128 -24.07 -30.64 2.12
CA VAL A 128 -24.89 -31.83 2.35
C VAL A 128 -24.47 -32.94 1.39
N LEU A 129 -24.44 -34.17 1.89
CA LEU A 129 -24.22 -35.36 1.08
C LEU A 129 -25.51 -36.13 0.87
N GLY A 130 -26.65 -35.57 1.26
CA GLY A 130 -27.94 -36.17 1.08
C GLY A 130 -28.91 -35.19 0.44
N ASP A 131 -30.19 -35.35 0.79
CA ASP A 131 -31.25 -34.53 0.26
C ASP A 131 -31.81 -33.53 1.26
N ASP A 132 -31.41 -33.61 2.53
CA ASP A 132 -31.81 -32.58 3.47
C ASP A 132 -31.24 -31.23 3.03
N LYS A 133 -32.02 -30.18 3.22
CA LYS A 133 -31.56 -28.82 2.98
C LYS A 133 -31.07 -28.21 4.29
N PRO A 134 -30.29 -27.11 4.24
CA PRO A 134 -29.69 -26.38 3.10
C PRO A 134 -28.42 -27.04 2.59
N LYS A 135 -28.17 -26.92 1.28
CA LYS A 135 -27.00 -27.58 0.69
C LYS A 135 -25.72 -27.12 1.36
N TYR A 136 -25.62 -25.83 1.68
CA TYR A 136 -24.51 -25.30 2.45
C TYR A 136 -25.05 -24.72 3.74
N LEU A 137 -24.47 -25.17 4.86
CA LEU A 137 -24.81 -24.70 6.19
C LEU A 137 -23.58 -24.04 6.79
N ASN A 138 -23.71 -22.77 7.20
CA ASN A 138 -22.67 -22.07 7.95
C ASN A 138 -22.87 -22.27 9.45
N SER A 139 -21.84 -21.93 10.21
CA SER A 139 -21.97 -21.79 11.65
C SER A 139 -22.74 -20.50 11.97
N PRO A 140 -23.41 -20.44 13.12
CA PRO A 140 -23.96 -19.17 13.56
C PRO A 140 -22.84 -18.27 14.06
N GLU A 141 -23.19 -17.02 14.32
CA GLU A 141 -22.30 -16.13 15.04
C GLU A 141 -21.97 -16.72 16.42
N THR A 142 -20.69 -16.76 16.76
CA THR A 142 -20.24 -17.21 18.07
C THR A 142 -19.22 -16.22 18.61
N PRO A 143 -18.81 -16.36 19.88
CA PRO A 143 -17.80 -15.43 20.42
C PRO A 143 -16.44 -15.52 19.75
N VAL A 144 -16.14 -16.59 19.00
CA VAL A 144 -14.87 -16.67 18.28
C VAL A 144 -15.05 -16.58 16.78
N PHE A 145 -16.29 -16.52 16.30
CA PHE A 145 -16.56 -16.48 14.85
C PHE A 145 -17.52 -15.34 14.58
N HIS A 146 -17.05 -14.30 13.89
CA HIS A 146 -17.89 -13.21 13.42
C HIS A 146 -17.85 -13.17 11.90
N LYS A 147 -19.01 -13.38 11.27
CA LYS A 147 -19.05 -13.49 9.82
C LYS A 147 -18.61 -12.22 9.12
N GLY A 148 -18.77 -11.07 9.76
CA GLY A 148 -18.38 -9.80 9.17
C GLY A 148 -16.92 -9.43 9.33
N GLN A 149 -16.15 -10.27 10.03
CA GLN A 149 -14.73 -10.05 10.21
C GLN A 149 -13.87 -11.11 9.56
N GLU A 150 -14.40 -12.31 9.38
CA GLU A 150 -13.65 -13.45 8.87
C GLU A 150 -13.90 -13.65 7.40
N LEU A 151 -12.93 -14.25 6.72
CA LEU A 151 -13.05 -14.63 5.33
C LEU A 151 -12.57 -16.06 5.20
N TYR A 152 -13.42 -16.94 4.67
CA TYR A 152 -12.99 -18.30 4.43
C TYR A 152 -11.81 -18.33 3.46
N GLY A 153 -10.75 -19.02 3.86
CA GLY A 153 -9.60 -19.24 3.01
C GLY A 153 -8.52 -18.21 3.13
N LEU A 154 -8.72 -17.19 3.96
CA LEU A 154 -7.70 -16.16 4.14
C LEU A 154 -6.45 -16.74 4.77
N TYR A 155 -6.62 -17.60 5.77
CA TYR A 155 -5.47 -18.27 6.37
C TYR A 155 -4.71 -19.10 5.35
N GLU A 156 -5.43 -19.88 4.55
CA GLU A 156 -4.76 -20.78 3.61
C GLU A 156 -4.03 -20.01 2.52
N ALA A 157 -4.60 -18.87 2.09
CA ALA A 157 -3.93 -18.07 1.07
C ALA A 157 -2.67 -17.43 1.61
N ARG A 158 -2.70 -16.94 2.84
CA ARG A 158 -1.50 -16.38 3.44
C ARG A 158 -0.41 -17.45 3.62
N GLN A 159 -0.81 -18.70 3.89
CA GLN A 159 0.19 -19.77 3.99
C GLN A 159 0.88 -20.01 2.64
N LYS A 160 0.09 -20.02 1.56
CA LYS A 160 0.63 -20.35 0.25
C LYS A 160 1.55 -19.26 -0.29
N ASN A 161 1.31 -18.00 0.07
CA ASN A 161 2.16 -16.90 -0.38
C ASN A 161 2.19 -15.82 0.70
N ARG A 162 3.41 -15.51 1.17
CA ARG A 162 3.57 -14.48 2.19
C ARG A 162 3.50 -13.07 1.60
N ASP A 163 3.97 -12.87 0.37
CA ASP A 163 3.92 -11.58 -0.31
C ASP A 163 2.88 -11.63 -1.43
N LEU A 164 1.61 -11.62 -1.02
CA LEU A 164 0.51 -11.57 -1.98
C LEU A 164 0.33 -10.18 -2.54
N ASP A 165 0.13 -10.10 -3.86
CA ASP A 165 -0.16 -8.85 -4.55
C ASP A 165 -1.65 -8.55 -4.63
N GLU A 166 -2.47 -9.59 -4.60
CA GLU A 166 -3.88 -9.46 -4.91
C GLU A 166 -4.63 -10.57 -4.21
N ILE A 167 -5.84 -10.26 -3.77
CA ILE A 167 -6.75 -11.25 -3.20
C ILE A 167 -8.03 -11.24 -4.03
N MET A 168 -8.53 -12.43 -4.34
CA MET A 168 -9.80 -12.59 -5.06
C MET A 168 -10.89 -12.96 -4.06
N VAL A 169 -11.98 -12.20 -4.06
CA VAL A 169 -13.11 -12.47 -3.17
C VAL A 169 -14.25 -13.11 -3.97
N VAL A 170 -14.72 -14.25 -3.49
CA VAL A 170 -15.78 -15.02 -4.10
C VAL A 170 -16.83 -15.30 -3.03
N GLU A 171 -17.87 -16.02 -3.41
CA GLU A 171 -19.04 -16.10 -2.55
C GLU A 171 -19.12 -17.36 -1.70
N GLY A 172 -18.49 -18.49 -2.09
CA GLY A 172 -18.73 -19.74 -1.40
C GLY A 172 -17.47 -20.54 -1.12
N TYR A 173 -17.64 -21.54 -0.25
CA TYR A 173 -16.56 -22.44 0.14
C TYR A 173 -15.96 -23.14 -1.07
N MET A 174 -16.83 -23.73 -1.90
CA MET A 174 -16.32 -24.52 -3.01
C MET A 174 -15.71 -23.65 -4.09
N ASP A 175 -16.13 -22.39 -4.21
CA ASP A 175 -15.43 -21.49 -5.12
C ASP A 175 -13.96 -21.39 -4.75
N VAL A 176 -13.67 -21.13 -3.47
CA VAL A 176 -12.29 -21.07 -3.00
C VAL A 176 -11.58 -22.39 -3.28
N ILE A 177 -12.21 -23.51 -2.92
CA ILE A 177 -11.54 -24.80 -3.05
C ILE A 177 -11.36 -25.18 -4.51
N ALA A 178 -12.41 -24.99 -5.33
CA ALA A 178 -12.28 -25.30 -6.75
C ALA A 178 -11.17 -24.48 -7.40
N LEU A 179 -11.12 -23.18 -7.12
CA LEU A 179 -10.06 -22.34 -7.68
C LEU A 179 -8.68 -22.81 -7.23
N ALA A 180 -8.53 -23.15 -5.94
CA ALA A 180 -7.25 -23.62 -5.42
C ALA A 180 -6.81 -24.89 -6.12
N GLN A 181 -7.76 -25.78 -6.41
CA GLN A 181 -7.44 -27.01 -7.11
C GLN A 181 -6.98 -26.75 -8.55
N GLN A 182 -7.42 -25.64 -9.14
CA GLN A 182 -7.00 -25.22 -10.47
C GLN A 182 -5.80 -24.29 -10.46
N GLY A 183 -5.11 -24.11 -9.33
CA GLY A 183 -3.94 -23.27 -9.32
C GLY A 183 -4.18 -21.81 -8.99
N ILE A 184 -5.41 -21.43 -8.68
CA ILE A 184 -5.73 -20.06 -8.29
C ILE A 184 -5.89 -20.07 -6.77
N ARG A 185 -4.81 -19.69 -6.05
CA ARG A 185 -4.68 -19.96 -4.63
C ARG A 185 -4.74 -18.70 -3.76
N ASN A 186 -5.23 -17.59 -4.30
CA ASN A 186 -5.41 -16.34 -3.55
C ASN A 186 -6.87 -15.94 -3.48
N ALA A 187 -7.77 -16.91 -3.43
CA ALA A 187 -9.20 -16.64 -3.33
C ALA A 187 -9.67 -16.82 -1.89
N VAL A 188 -10.53 -15.91 -1.44
CA VAL A 188 -11.21 -16.07 -0.16
C VAL A 188 -12.69 -15.78 -0.38
N ALA A 189 -13.51 -16.20 0.59
CA ALA A 189 -14.96 -16.13 0.46
C ALA A 189 -15.58 -15.50 1.69
N THR A 190 -16.50 -14.57 1.45
CA THR A 190 -17.51 -14.21 2.42
C THR A 190 -18.38 -15.42 2.70
N LEU A 191 -19.06 -15.41 3.83
CA LEU A 191 -19.72 -16.63 4.27
C LEU A 191 -21.23 -16.42 4.25
N GLY A 192 -21.75 -16.23 3.05
CA GLY A 192 -23.15 -15.88 2.90
C GLY A 192 -23.48 -14.52 3.46
N THR A 193 -22.51 -13.62 3.51
CA THR A 193 -22.71 -12.28 4.01
C THR A 193 -22.23 -11.28 2.96
N ALA A 194 -22.78 -10.08 3.04
CA ALA A 194 -22.23 -8.97 2.29
C ALA A 194 -20.82 -8.69 2.77
N THR A 195 -19.96 -8.28 1.84
CA THR A 195 -18.64 -7.83 2.22
C THR A 195 -18.76 -6.61 3.10
N SER A 196 -18.12 -6.65 4.27
CA SER A 196 -18.20 -5.57 5.22
C SER A 196 -17.01 -4.64 5.07
N GLU A 197 -17.10 -3.47 5.70
CA GLU A 197 -15.96 -2.57 5.78
C GLU A 197 -14.79 -3.23 6.51
N GLU A 198 -15.08 -4.02 7.54
CA GLU A 198 -13.99 -4.70 8.25
C GLU A 198 -13.28 -5.70 7.34
N HIS A 199 -14.05 -6.41 6.51
CA HIS A 199 -13.43 -7.25 5.48
C HIS A 199 -12.45 -6.43 4.65
N ILE A 200 -12.87 -5.26 4.20
CA ILE A 200 -12.01 -4.48 3.31
C ILE A 200 -10.77 -4.02 4.04
N LYS A 201 -10.92 -3.61 5.31
CA LYS A 201 -9.75 -3.17 6.06
C LYS A 201 -8.73 -4.29 6.21
N ARG A 202 -9.19 -5.52 6.46
CA ARG A 202 -8.25 -6.64 6.60
C ARG A 202 -7.60 -6.98 5.27
N LEU A 203 -8.35 -6.96 4.17
CA LEU A 203 -7.75 -7.26 2.88
C LEU A 203 -6.70 -6.22 2.51
N PHE A 204 -7.03 -4.93 2.65
CA PHE A 204 -6.09 -3.86 2.30
C PHE A 204 -4.86 -3.86 3.20
N ARG A 205 -4.92 -4.44 4.40
CA ARG A 205 -3.70 -4.62 5.17
C ARG A 205 -2.76 -5.64 4.56
N LEU A 206 -3.27 -6.49 3.67
CA LEU A 206 -2.46 -7.56 3.10
C LEU A 206 -2.08 -7.32 1.66
N VAL A 207 -2.92 -6.62 0.88
CA VAL A 207 -2.72 -6.49 -0.56
C VAL A 207 -3.16 -5.11 -1.00
N PRO A 208 -2.56 -4.54 -2.04
CA PRO A 208 -3.08 -3.30 -2.62
C PRO A 208 -4.19 -3.50 -3.64
N SER A 209 -4.54 -4.73 -3.96
CA SER A 209 -5.45 -5.00 -5.05
C SER A 209 -6.46 -6.09 -4.66
N ILE A 210 -7.74 -5.78 -4.80
CA ILE A 210 -8.84 -6.71 -4.53
C ILE A 210 -9.63 -6.93 -5.81
N LEU A 211 -9.85 -8.19 -6.15
CA LEU A 211 -10.67 -8.60 -7.28
C LEU A 211 -11.92 -9.27 -6.73
N PHE A 212 -13.09 -8.66 -6.95
CA PHE A 212 -14.34 -9.25 -6.55
C PHE A 212 -14.90 -10.05 -7.72
N CYS A 213 -15.37 -11.24 -7.42
CA CYS A 213 -15.97 -12.08 -8.46
C CYS A 213 -17.36 -12.47 -7.99
N PHE A 214 -18.38 -12.12 -8.78
CA PHE A 214 -19.78 -12.33 -8.41
C PHE A 214 -20.45 -13.30 -9.36
N ASP A 215 -21.27 -14.19 -8.78
CA ASP A 215 -22.01 -15.21 -9.52
C ASP A 215 -22.99 -14.55 -10.46
N GLY A 216 -23.36 -15.29 -11.51
CA GLY A 216 -24.41 -14.86 -12.40
C GLY A 216 -25.79 -15.11 -11.81
N ASP A 217 -26.16 -14.34 -10.79
CA ASP A 217 -27.53 -14.31 -10.28
C ASP A 217 -27.74 -12.99 -9.56
N GLN A 218 -29.01 -12.70 -9.26
CA GLN A 218 -29.36 -11.37 -8.76
C GLN A 218 -28.71 -11.09 -7.42
N ALA A 219 -28.53 -12.11 -6.59
CA ALA A 219 -27.82 -11.94 -5.32
C ALA A 219 -26.35 -11.60 -5.54
N GLY A 220 -25.77 -12.05 -6.66
CA GLY A 220 -24.41 -11.65 -6.99
C GLY A 220 -24.33 -10.17 -7.36
N ARG A 221 -25.32 -9.67 -8.10
CA ARG A 221 -25.29 -8.27 -8.52
C ARG A 221 -25.58 -7.35 -7.35
N LYS A 222 -26.51 -7.73 -6.48
CA LYS A 222 -26.75 -6.96 -5.27
C LYS A 222 -25.54 -6.96 -4.35
N ALA A 223 -24.82 -8.09 -4.28
CA ALA A 223 -23.65 -8.16 -3.43
C ALA A 223 -22.52 -7.25 -3.94
N ALA A 224 -22.45 -7.02 -5.25
CA ALA A 224 -21.40 -6.16 -5.80
C ALA A 224 -21.59 -4.71 -5.35
N TRP A 225 -22.83 -4.24 -5.31
CA TRP A 225 -23.02 -2.86 -4.89
C TRP A 225 -22.72 -2.69 -3.40
N ARG A 226 -23.12 -3.67 -2.58
CA ARG A 226 -22.82 -3.61 -1.16
C ARG A 226 -21.31 -3.68 -0.93
N ALA A 227 -20.63 -4.50 -1.74
CA ALA A 227 -19.17 -4.55 -1.67
C ALA A 227 -18.55 -3.20 -2.03
N LEU A 228 -19.10 -2.54 -3.06
CA LEU A 228 -18.57 -1.23 -3.44
C LEU A 228 -18.76 -0.21 -2.32
N GLU A 229 -19.91 -0.26 -1.65
CA GLU A 229 -20.15 0.63 -0.52
C GLU A 229 -19.23 0.32 0.67
N SER A 230 -18.87 -0.94 0.88
CA SER A 230 -17.91 -1.25 1.93
C SER A 230 -16.51 -0.75 1.56
N VAL A 231 -16.21 -0.72 0.26
CA VAL A 231 -14.87 -0.36 -0.21
C VAL A 231 -14.62 1.14 -0.07
N LEU A 232 -15.59 1.97 -0.47
CA LEU A 232 -15.39 3.40 -0.63
C LEU A 232 -14.75 4.07 0.58
N PRO A 233 -15.32 3.95 1.79
CA PRO A 233 -14.71 4.64 2.94
C PRO A 233 -13.33 4.12 3.31
N ASN A 234 -12.85 3.06 2.69
CA ASN A 234 -11.54 2.50 2.99
C ASN A 234 -10.62 2.57 1.79
N LEU A 235 -10.99 3.33 0.76
CA LEU A 235 -10.25 3.37 -0.49
C LEU A 235 -9.20 4.48 -0.43
N GLN A 236 -8.00 4.13 0.03
CA GLN A 236 -6.87 5.06 -0.01
C GLN A 236 -6.28 5.08 -1.43
N ASP A 237 -5.59 6.17 -1.77
CA ASP A 237 -4.89 6.24 -3.04
C ASP A 237 -3.93 5.05 -3.20
N GLY A 238 -3.70 4.64 -4.44
CA GLY A 238 -2.81 3.52 -4.69
C GLY A 238 -3.39 2.14 -4.47
N LYS A 239 -4.67 2.04 -4.18
CA LYS A 239 -5.32 0.74 -4.06
C LYS A 239 -6.06 0.45 -5.35
N ARG A 240 -6.29 -0.83 -5.62
CA ARG A 240 -6.90 -1.24 -6.88
C ARG A 240 -8.04 -2.19 -6.55
N VAL A 241 -9.25 -1.89 -7.06
CA VAL A 241 -10.41 -2.75 -6.84
C VAL A 241 -11.11 -2.99 -8.17
N ARG A 242 -11.45 -4.24 -8.44
CA ARG A 242 -12.14 -4.59 -9.69
C ARG A 242 -13.27 -5.55 -9.40
N PHE A 243 -14.22 -5.60 -10.35
CA PHE A 243 -15.41 -6.44 -10.26
C PHE A 243 -15.50 -7.32 -11.50
N LEU A 244 -15.52 -8.63 -11.29
CA LEU A 244 -15.68 -9.59 -12.37
C LEU A 244 -17.07 -10.22 -12.23
N PHE A 245 -17.91 -10.03 -13.23
CA PHE A 245 -19.25 -10.61 -13.25
C PHE A 245 -19.24 -11.83 -14.15
N LEU A 246 -19.61 -12.97 -13.58
CA LEU A 246 -19.63 -14.24 -14.27
C LEU A 246 -20.92 -14.38 -15.08
N PRO A 247 -20.90 -15.18 -16.14
CA PRO A 247 -22.10 -15.34 -16.96
C PRO A 247 -23.25 -15.92 -16.13
N GLU A 248 -24.46 -15.66 -16.60
CA GLU A 248 -25.65 -16.08 -15.88
C GLU A 248 -25.60 -17.58 -15.63
N GLY A 249 -25.94 -17.99 -14.41
CA GLY A 249 -25.93 -19.40 -14.02
C GLY A 249 -24.59 -19.96 -13.57
N GLU A 250 -23.52 -19.17 -13.59
CA GLU A 250 -22.20 -19.64 -13.22
C GLU A 250 -21.80 -19.10 -11.86
N ASP A 251 -20.89 -19.83 -11.21
CA ASP A 251 -20.09 -19.35 -10.09
C ASP A 251 -18.66 -19.81 -10.36
N PRO A 252 -17.68 -19.33 -9.58
CA PRO A 252 -16.28 -19.71 -9.89
C PRO A 252 -16.05 -21.20 -9.81
N ASP A 253 -16.71 -21.88 -8.89
CA ASP A 253 -16.69 -23.33 -8.80
C ASP A 253 -16.98 -23.96 -10.16
N SER A 254 -18.24 -23.89 -10.60
CA SER A 254 -18.64 -24.50 -11.86
C SER A 254 -17.75 -24.02 -13.00
N LEU A 255 -17.55 -22.70 -13.07
CA LEU A 255 -16.85 -22.12 -14.21
C LEU A 255 -15.42 -22.61 -14.31
N VAL A 256 -14.67 -22.60 -13.19
CA VAL A 256 -13.24 -22.90 -13.31
C VAL A 256 -13.03 -24.39 -13.57
N ARG A 257 -13.87 -25.27 -13.02
CA ARG A 257 -13.76 -26.68 -13.37
C ARG A 257 -14.09 -26.89 -14.85
N ALA A 258 -14.96 -26.05 -15.41
CA ALA A 258 -15.34 -26.19 -16.80
C ALA A 258 -14.22 -25.76 -17.74
N GLU A 259 -13.69 -24.55 -17.56
CA GLU A 259 -12.76 -23.98 -18.53
C GLU A 259 -11.30 -23.97 -18.08
N GLY A 260 -11.03 -24.27 -16.81
CA GLY A 260 -9.67 -24.42 -16.35
C GLY A 260 -8.99 -23.09 -16.03
N GLU A 261 -7.85 -23.21 -15.34
CA GLU A 261 -7.13 -22.06 -14.83
C GLU A 261 -6.85 -21.02 -15.90
N ASP A 262 -6.17 -21.44 -16.98
CA ASP A 262 -5.72 -20.49 -17.98
C ASP A 262 -6.88 -19.71 -18.56
N ALA A 263 -7.99 -20.38 -18.83
CA ALA A 263 -9.14 -19.67 -19.39
C ALA A 263 -9.78 -18.75 -18.34
N PHE A 264 -9.82 -19.17 -17.08
CA PHE A 264 -10.37 -18.29 -16.06
C PHE A 264 -9.48 -17.07 -15.85
N ARG A 265 -8.17 -17.24 -15.90
CA ARG A 265 -7.28 -16.09 -15.80
C ARG A 265 -7.44 -15.16 -17.00
N ALA A 266 -7.55 -15.72 -18.19
CA ALA A 266 -7.82 -14.88 -19.36
C ALA A 266 -9.15 -14.15 -19.19
N ARG A 267 -10.16 -14.83 -18.66
CA ARG A 267 -11.45 -14.18 -18.44
C ARG A 267 -11.33 -12.97 -17.51
N ILE A 268 -10.60 -13.13 -16.42
CA ILE A 268 -10.36 -12.01 -15.49
C ILE A 268 -9.74 -10.84 -16.24
N THR A 269 -8.65 -11.11 -16.96
CA THR A 269 -7.94 -10.05 -17.67
C THR A 269 -8.86 -9.38 -18.68
N GLN A 270 -9.69 -10.17 -19.34
CA GLN A 270 -10.57 -9.65 -20.38
C GLN A 270 -11.72 -8.84 -19.79
N GLN A 271 -12.29 -9.28 -18.67
CA GLN A 271 -13.62 -8.83 -18.30
C GLN A 271 -13.74 -8.19 -16.94
N ALA A 272 -12.70 -8.25 -16.10
CA ALA A 272 -12.74 -7.54 -14.84
C ALA A 272 -13.00 -6.05 -15.11
N GLN A 273 -13.91 -5.49 -14.36
CA GLN A 273 -14.29 -4.12 -14.56
C GLN A 273 -13.73 -3.26 -13.43
N PRO A 274 -13.07 -2.14 -13.74
CA PRO A 274 -12.57 -1.25 -12.69
C PRO A 274 -13.71 -0.72 -11.84
N LEU A 275 -13.41 -0.50 -10.56
CA LEU A 275 -14.41 0.02 -9.62
C LEU A 275 -15.06 1.30 -10.14
N ALA A 276 -14.24 2.24 -10.63
CA ALA A 276 -14.76 3.53 -11.06
C ALA A 276 -15.70 3.40 -12.25
N GLU A 277 -15.42 2.50 -13.16
CA GLU A 277 -16.34 2.29 -14.27
C GLU A 277 -17.63 1.63 -13.78
N TYR A 278 -17.53 0.66 -12.87
CA TYR A 278 -18.75 0.04 -12.34
C TYR A 278 -19.60 1.07 -11.60
N PHE A 279 -18.94 1.93 -10.83
CA PHE A 279 -19.63 2.99 -10.10
C PHE A 279 -20.44 3.89 -11.04
N PHE A 280 -19.77 4.50 -12.01
CA PHE A 280 -20.49 5.42 -12.90
C PHE A 280 -21.47 4.69 -13.83
N GLN A 281 -21.15 3.47 -14.26
CA GLN A 281 -22.10 2.73 -15.08
C GLN A 281 -23.42 2.53 -14.35
N GLN A 282 -23.37 1.98 -13.12
CA GLN A 282 -24.61 1.68 -12.40
C GLN A 282 -25.39 2.96 -12.08
N LEU A 283 -24.68 4.03 -11.71
CA LEU A 283 -25.40 5.26 -11.37
C LEU A 283 -25.95 5.93 -12.61
N MET A 284 -25.24 5.86 -13.74
CA MET A 284 -25.80 6.42 -14.97
C MET A 284 -27.01 5.64 -15.45
N LEU A 285 -27.13 4.36 -15.10
CA LEU A 285 -28.36 3.65 -15.40
C LEU A 285 -29.50 4.09 -14.50
N GLU A 286 -29.19 4.60 -13.31
CA GLU A 286 -30.24 5.09 -12.44
C GLU A 286 -30.59 6.53 -12.76
N ALA A 287 -29.61 7.33 -13.22
CA ALA A 287 -29.80 8.76 -13.46
C ALA A 287 -29.07 9.11 -14.76
N ASP A 288 -29.80 9.11 -15.88
CA ASP A 288 -29.21 9.34 -17.20
C ASP A 288 -28.82 10.81 -17.34
N PRO A 289 -27.56 11.10 -17.54
CA PRO A 289 -27.15 12.51 -17.54
C PRO A 289 -27.26 13.22 -18.88
N ALA A 290 -28.14 12.76 -19.77
CA ALA A 290 -28.34 13.48 -21.03
C ALA A 290 -29.04 14.82 -20.82
N THR A 291 -29.91 14.91 -19.82
CA THR A 291 -30.71 16.10 -19.54
C THR A 291 -30.20 16.83 -18.31
N LEU A 292 -30.64 18.08 -18.16
CA LEU A 292 -30.28 18.88 -17.00
C LEU A 292 -30.76 18.22 -15.71
N GLU A 293 -31.96 17.62 -15.75
CA GLU A 293 -32.47 16.94 -14.56
C GLU A 293 -31.67 15.68 -14.27
N GLY A 294 -31.37 14.89 -15.31
CA GLY A 294 -30.56 13.71 -15.09
C GLY A 294 -29.17 14.04 -14.56
N LYS A 295 -28.58 15.13 -15.07
CA LYS A 295 -27.27 15.56 -14.56
C LYS A 295 -27.34 15.88 -13.08
N ALA A 296 -28.38 16.60 -12.64
CA ALA A 296 -28.50 16.93 -11.23
C ALA A 296 -28.77 15.68 -10.39
N HIS A 297 -29.64 14.79 -10.88
CA HIS A 297 -29.91 13.54 -10.19
C HIS A 297 -28.64 12.69 -10.07
N LEU A 298 -27.87 12.59 -11.15
CA LEU A 298 -26.65 11.80 -11.10
C LEU A 298 -25.67 12.35 -10.04
N ALA A 299 -25.48 13.67 -10.02
CA ALA A 299 -24.59 14.26 -9.02
C ALA A 299 -25.13 14.09 -7.59
N THR A 300 -26.43 14.14 -7.44
CA THR A 300 -27.02 13.93 -6.11
C THR A 300 -26.83 12.49 -5.63
N LEU A 301 -26.84 11.51 -6.52
CA LEU A 301 -26.58 10.14 -6.08
C LEU A 301 -25.10 9.92 -5.82
N ALA A 302 -24.22 10.51 -6.63
CA ALA A 302 -22.81 10.16 -6.59
C ALA A 302 -22.07 10.88 -5.47
N ALA A 303 -22.31 12.18 -5.33
CA ALA A 303 -21.49 13.00 -4.42
C ALA A 303 -21.39 12.44 -3.02
N PRO A 304 -22.48 12.05 -2.34
CA PRO A 304 -22.30 11.51 -0.97
C PRO A 304 -21.46 10.24 -0.95
N LEU A 305 -21.53 9.44 -2.01
CA LEU A 305 -20.67 8.26 -2.06
C LEU A 305 -19.20 8.66 -2.23
N LEU A 306 -18.91 9.62 -3.11
CA LEU A 306 -17.53 10.00 -3.37
C LEU A 306 -16.91 10.69 -2.18
N GLU A 307 -17.70 11.48 -1.45
CA GLU A 307 -17.20 12.20 -0.30
C GLU A 307 -16.59 11.26 0.73
N LYS A 308 -16.95 9.98 0.71
CA LYS A 308 -16.43 9.06 1.72
C LYS A 308 -15.05 8.51 1.36
N ILE A 309 -14.58 8.69 0.14
CA ILE A 309 -13.30 8.09 -0.26
C ILE A 309 -12.19 8.83 0.48
N PRO A 310 -11.34 8.14 1.25
CA PRO A 310 -10.30 8.86 2.01
C PRO A 310 -9.12 9.25 1.15
N GLY A 311 -8.78 8.43 0.16
CA GLY A 311 -7.70 8.75 -0.77
C GLY A 311 -7.94 10.05 -1.49
N ASN A 312 -7.01 11.01 -1.36
CA ASN A 312 -7.27 12.36 -1.88
C ASN A 312 -7.22 12.41 -3.40
N ASN A 313 -6.30 11.68 -4.03
CA ASN A 313 -6.24 11.68 -5.49
C ASN A 313 -7.44 10.98 -6.07
N LEU A 314 -7.80 9.84 -5.50
CA LEU A 314 -8.96 9.10 -6.00
CA LEU A 314 -8.96 9.11 -6.00
C LEU A 314 -10.25 9.89 -5.79
N ARG A 315 -10.38 10.55 -4.64
CA ARG A 315 -11.56 11.39 -4.46
C ARG A 315 -11.58 12.51 -5.49
N LEU A 316 -10.43 13.13 -5.74
CA LEU A 316 -10.37 14.18 -6.76
C LEU A 316 -10.66 13.61 -8.15
N LEU A 317 -10.14 12.43 -8.43
CA LEU A 317 -10.34 11.81 -9.73
C LEU A 317 -11.81 11.49 -9.97
N MET A 318 -12.52 10.95 -8.97
CA MET A 318 -13.93 10.63 -9.15
C MET A 318 -14.77 11.89 -9.23
N ARG A 319 -14.43 12.91 -8.44
CA ARG A 319 -15.15 14.18 -8.55
C ARG A 319 -14.97 14.76 -9.93
N GLN A 320 -13.77 14.63 -10.49
CA GLN A 320 -13.51 15.19 -11.81
C GLN A 320 -14.33 14.48 -12.89
N ARG A 321 -14.42 13.14 -12.83
CA ARG A 321 -15.26 12.41 -13.76
CA ARG A 321 -15.26 12.42 -13.78
C ARG A 321 -16.71 12.86 -13.64
N LEU A 322 -17.17 13.02 -12.40
CA LEU A 322 -18.54 13.46 -12.17
C LEU A 322 -18.77 14.84 -12.79
N SER A 323 -17.79 15.75 -12.63
CA SER A 323 -17.87 17.08 -13.24
C SER A 323 -17.90 17.00 -14.77
N GLU A 324 -17.07 16.15 -15.36
CA GLU A 324 -17.05 16.02 -16.82
C GLU A 324 -18.41 15.55 -17.35
N ILE A 325 -19.05 14.60 -16.67
CA ILE A 325 -20.32 14.04 -17.13
C ILE A 325 -21.47 15.00 -16.89
N THR A 326 -21.49 15.68 -15.74
CA THR A 326 -22.65 16.47 -15.35
C THR A 326 -22.49 17.96 -15.63
N GLY A 327 -21.27 18.44 -15.89
CA GLY A 327 -21.08 19.85 -16.12
C GLY A 327 -21.31 20.69 -14.89
N LEU A 328 -21.31 20.07 -13.72
CA LEU A 328 -21.54 20.75 -12.46
C LEU A 328 -20.21 20.93 -11.73
N SER A 329 -19.99 22.13 -11.19
CA SER A 329 -18.78 22.42 -10.44
C SER A 329 -18.86 21.74 -9.08
N GLY A 330 -17.76 21.85 -8.33
CA GLY A 330 -17.79 21.47 -6.93
C GLY A 330 -18.81 22.27 -6.13
N GLU A 331 -18.86 23.59 -6.37
CA GLU A 331 -19.87 24.41 -5.72
C GLU A 331 -21.27 23.98 -6.13
N ASN A 332 -21.47 23.66 -7.41
CA ASN A 332 -22.74 23.10 -7.85
C ASN A 332 -23.00 21.75 -7.18
N ILE A 333 -22.02 20.85 -7.24
CA ILE A 333 -22.17 19.51 -6.67
C ILE A 333 -22.43 19.60 -5.16
N GLY A 334 -21.66 20.43 -4.47
CA GLY A 334 -21.89 20.62 -3.04
C GLY A 334 -23.27 21.15 -2.73
N GLN A 335 -23.66 22.24 -3.40
CA GLN A 335 -24.97 22.86 -3.18
C GLN A 335 -26.12 21.96 -3.62
N LEU A 336 -25.85 20.96 -4.46
CA LEU A 336 -26.89 19.99 -4.86
C LEU A 336 -26.94 18.84 -3.86
N PRO B 19 43.26 17.14 0.62
CA PRO B 19 43.46 18.58 0.41
C PRO B 19 42.34 19.44 1.01
N LEU B 20 41.11 19.27 0.50
CA LEU B 20 39.98 20.06 0.95
C LEU B 20 39.37 19.54 2.25
N TYR B 21 39.56 18.25 2.55
CA TYR B 21 38.91 17.65 3.72
C TYR B 21 39.22 18.37 5.03
N PRO B 22 40.47 18.72 5.36
CA PRO B 22 40.69 19.29 6.70
C PRO B 22 40.05 20.65 6.84
N LEU B 23 39.99 21.44 5.74
CA LEU B 23 39.30 22.72 5.76
C LEU B 23 37.80 22.52 5.99
N LEU B 24 37.20 21.57 5.28
CA LEU B 24 35.79 21.26 5.52
C LEU B 24 35.55 20.87 6.97
N SER B 25 36.45 20.06 7.57
CA SER B 25 36.21 19.67 8.95
C SER B 25 36.46 20.83 9.89
N ALA B 26 37.43 21.68 9.57
CA ALA B 26 37.70 22.85 10.39
C ALA B 26 36.52 23.80 10.36
N ALA B 27 35.97 24.03 9.16
CA ALA B 27 34.75 24.82 9.05
C ALA B 27 33.61 24.20 9.84
N ALA B 28 33.44 22.88 9.74
CA ALA B 28 32.40 22.22 10.52
C ALA B 28 32.64 22.43 12.02
N GLU B 29 33.89 22.21 12.48
CA GLU B 29 34.21 22.44 13.88
C GLU B 29 33.93 23.89 14.26
N PHE B 30 34.29 24.83 13.39
CA PHE B 30 33.98 26.23 13.66
C PHE B 30 32.49 26.45 13.78
N TYR B 31 31.70 25.86 12.87
CA TYR B 31 30.26 26.05 12.90
C TYR B 31 29.64 25.39 14.12
N LYS B 32 30.05 24.16 14.44
CA LYS B 32 29.45 23.48 15.58
C LYS B 32 29.92 24.10 16.89
N GLN B 33 31.20 24.51 16.96
CA GLN B 33 31.65 25.24 18.14
C GLN B 33 30.93 26.57 18.27
N ALA B 34 30.54 27.19 17.17
CA ALA B 34 29.76 28.41 17.28
C ALA B 34 28.33 28.15 17.72
N LEU B 35 27.79 26.96 17.43
CA LEU B 35 26.46 26.63 17.93
C LEU B 35 26.48 26.58 19.45
N LYS B 36 27.43 25.86 20.04
CA LYS B 36 27.60 25.79 21.49
C LYS B 36 27.89 27.14 22.11
N SER B 37 29.07 27.70 21.78
CA SER B 37 29.73 28.69 22.63
C SER B 37 29.94 30.04 21.94
N HIS B 38 29.13 30.38 20.93
CA HIS B 38 29.29 31.67 20.28
C HIS B 38 28.28 32.67 20.82
N PRO B 39 28.67 33.93 20.99
CA PRO B 39 27.74 34.92 21.57
C PRO B 39 26.59 35.28 20.64
N ALA B 40 26.45 34.52 19.57
CA ALA B 40 25.32 34.72 18.66
C ALA B 40 24.43 33.49 18.58
N ARG B 41 24.81 32.37 19.23
CA ARG B 41 23.96 31.21 19.38
C ARG B 41 22.57 31.62 19.83
N LYS B 42 21.82 32.29 18.95
CA LYS B 42 20.59 32.96 19.31
C LYS B 42 19.41 32.35 18.56
N ALA B 43 18.96 33.03 17.51
CA ALA B 43 17.91 32.49 16.67
C ALA B 43 18.24 31.09 16.19
N ALA B 44 19.53 30.73 16.19
CA ALA B 44 19.90 29.35 15.94
C ALA B 44 19.30 28.44 16.99
N VAL B 45 19.58 28.73 18.26
CA VAL B 45 18.96 28.01 19.35
C VAL B 45 17.43 28.11 19.25
N ASN B 46 16.93 29.31 18.92
CA ASN B 46 15.49 29.55 18.84
C ASN B 46 14.82 28.73 17.75
N TYR B 47 15.36 28.78 16.54
CA TYR B 47 14.83 27.96 15.45
C TYR B 47 14.86 26.48 15.82
N LEU B 48 16.02 25.98 16.24
CA LEU B 48 16.16 24.56 16.55
C LEU B 48 15.25 24.14 17.70
N LYS B 49 15.28 24.89 18.82
CA LYS B 49 14.34 24.61 19.91
C LYS B 49 12.90 24.60 19.41
N GLY B 50 12.47 25.69 18.77
CA GLY B 50 11.18 25.82 18.13
C GLY B 50 10.72 24.58 17.38
N ARG B 51 11.66 23.84 16.79
CA ARG B 51 11.41 22.50 16.29
C ARG B 51 11.53 21.51 17.46
N GLY B 52 12.74 21.06 17.79
CA GLY B 52 12.90 20.35 19.05
C GLY B 52 13.70 19.07 19.04
N LEU B 53 15.04 19.16 19.16
CA LEU B 53 15.96 18.05 18.99
C LEU B 53 17.02 17.97 20.09
N THR B 54 17.86 19.00 20.15
CA THR B 54 18.90 19.22 21.16
C THR B 54 19.82 18.02 21.42
N GLY B 55 19.27 16.81 21.41
CA GLY B 55 19.98 15.62 21.83
C GLY B 55 21.20 15.26 21.00
N GLU B 56 21.71 14.05 21.25
CA GLU B 56 22.92 13.57 20.59
C GLU B 56 22.75 13.37 19.08
N ILE B 57 21.63 13.74 18.49
CA ILE B 57 21.59 13.76 17.03
C ILE B 57 22.47 14.88 16.51
N ALA B 58 22.58 15.98 17.26
CA ALA B 58 23.52 17.04 16.92
C ALA B 58 24.93 16.51 16.78
N ARG B 59 25.33 15.62 17.68
CA ARG B 59 26.63 14.97 17.51
C ARG B 59 26.58 14.01 16.33
N ASP B 60 25.47 13.27 16.19
CA ASP B 60 25.32 12.37 15.06
C ASP B 60 25.36 13.11 13.73
N PHE B 61 24.75 14.31 13.66
CA PHE B 61 24.70 15.07 12.40
C PHE B 61 25.63 16.27 12.35
N GLY B 62 26.30 16.62 13.44
CA GLY B 62 27.27 17.70 13.41
C GLY B 62 26.69 19.08 13.17
N LEU B 63 25.48 19.35 13.62
CA LEU B 63 24.87 20.65 13.34
C LEU B 63 25.75 21.79 13.84
N GLY B 64 25.58 22.96 13.22
CA GLY B 64 26.42 24.09 13.56
C GLY B 64 25.74 25.40 13.23
N PHE B 65 26.45 26.49 13.52
CA PHE B 65 25.97 27.85 13.31
C PHE B 65 26.99 28.63 12.51
N ALA B 66 26.53 29.30 11.44
CA ALA B 66 27.34 30.29 10.75
C ALA B 66 26.86 31.67 11.17
N PRO B 67 27.57 32.37 12.05
CA PRO B 67 27.13 33.69 12.52
C PRO B 67 26.97 34.67 11.36
N PRO B 68 26.17 35.73 11.55
CA PRO B 68 25.98 36.70 10.46
C PRO B 68 27.24 37.48 10.18
N GLY B 69 27.23 38.32 9.16
CA GLY B 69 28.44 38.98 8.70
C GLY B 69 29.08 38.22 7.55
N TRP B 70 30.10 38.85 6.96
CA TRP B 70 30.62 38.38 5.68
C TRP B 70 31.91 37.58 5.77
N ASP B 71 32.61 37.60 6.90
CA ASP B 71 33.96 37.04 6.87
C ASP B 71 34.29 36.27 8.15
N ASN B 72 33.29 35.69 8.80
CA ASN B 72 33.55 34.96 10.04
C ASN B 72 34.48 33.78 9.78
N LEU B 73 34.17 32.96 8.77
CA LEU B 73 35.03 31.82 8.47
C LEU B 73 36.31 32.28 7.79
N LEU B 74 36.20 33.26 6.89
CA LEU B 74 37.38 33.89 6.31
C LEU B 74 38.35 34.33 7.39
N LYS B 75 37.92 35.25 8.28
CA LYS B 75 38.85 35.76 9.28
C LYS B 75 39.36 34.64 10.17
N HIS B 76 38.46 33.76 10.60
CA HIS B 76 38.84 32.76 11.60
C HIS B 76 39.70 31.64 11.03
N LEU B 77 39.60 31.36 9.74
CA LEU B 77 40.16 30.13 9.17
C LEU B 77 41.07 30.45 7.99
N GLY B 78 40.81 31.55 7.31
CA GLY B 78 41.63 31.91 6.17
C GLY B 78 43.01 32.33 6.62
N GLY B 79 44.00 32.00 5.79
CA GLY B 79 45.36 32.36 6.09
C GLY B 79 46.01 33.02 4.89
N ASP B 80 47.07 32.38 4.41
CA ASP B 80 47.77 32.80 3.21
C ASP B 80 46.95 32.40 1.97
N ASN B 81 47.58 32.54 0.80
CA ASN B 81 46.91 32.25 -0.47
C ASN B 81 46.44 30.79 -0.56
N LEU B 82 47.29 29.83 -0.18
CA LEU B 82 46.92 28.44 -0.41
C LEU B 82 45.72 28.04 0.43
N GLN B 83 45.64 28.54 1.67
CA GLN B 83 44.45 28.35 2.49
C GLN B 83 43.20 28.88 1.78
N LEU B 84 43.27 30.14 1.32
CA LEU B 84 42.07 30.77 0.76
C LEU B 84 41.63 30.05 -0.49
N LYS B 85 42.59 29.61 -1.32
CA LYS B 85 42.26 28.91 -2.55
C LYS B 85 41.55 27.61 -2.25
N ALA B 86 42.06 26.86 -1.27
CA ALA B 86 41.44 25.60 -0.88
C ALA B 86 40.06 25.83 -0.28
N MET B 87 39.90 26.87 0.54
CA MET B 87 38.57 27.25 1.00
C MET B 87 37.67 27.61 -0.18
N LEU B 88 38.21 28.29 -1.19
CA LEU B 88 37.42 28.59 -2.38
C LEU B 88 37.00 27.31 -3.09
N ASP B 89 37.98 26.40 -3.32
CA ASP B 89 37.68 25.16 -4.04
C ASP B 89 36.72 24.27 -3.25
N ALA B 90 36.74 24.35 -1.93
CA ALA B 90 35.81 23.56 -1.11
C ALA B 90 34.41 24.14 -1.12
N GLY B 91 34.21 25.32 -1.69
CA GLY B 91 32.91 25.97 -1.61
C GLY B 91 32.65 26.68 -0.31
N LEU B 92 33.69 26.99 0.47
CA LEU B 92 33.50 27.69 1.72
C LEU B 92 33.49 29.21 1.54
N LEU B 93 34.08 29.70 0.46
CA LEU B 93 34.15 31.12 0.19
C LEU B 93 33.51 31.39 -1.16
N VAL B 94 33.02 32.61 -1.32
CA VAL B 94 32.62 33.14 -2.62
C VAL B 94 33.60 34.25 -2.98
N GLU B 95 33.89 34.39 -4.27
CA GLU B 95 34.73 35.46 -4.79
C GLU B 95 33.91 36.34 -5.73
N ASN B 96 33.90 37.62 -5.46
CA ASN B 96 33.32 38.55 -6.41
C ASN B 96 34.15 38.54 -7.70
N SER B 97 33.48 38.33 -8.82
CA SER B 97 34.21 38.17 -10.08
C SER B 97 34.78 39.49 -10.60
N ASP B 98 34.28 40.63 -10.13
CA ASP B 98 34.80 41.90 -10.62
C ASP B 98 35.90 42.46 -9.74
N THR B 99 35.75 42.39 -8.42
CA THR B 99 36.70 42.99 -7.49
C THR B 99 37.76 42.04 -6.96
N GLY B 100 37.57 40.73 -7.08
CA GLY B 100 38.45 39.74 -6.48
C GLY B 100 38.20 39.45 -5.01
N LYS B 101 37.21 40.07 -4.39
CA LYS B 101 37.06 39.98 -2.96
C LYS B 101 36.41 38.65 -2.55
N ARG B 102 36.93 38.06 -1.49
CA ARG B 102 36.44 36.80 -0.93
C ARG B 102 35.53 37.10 0.25
N TYR B 103 34.48 36.30 0.39
CA TYR B 103 33.69 36.34 1.62
C TYR B 103 33.08 34.97 1.87
N ASP B 104 32.59 34.78 3.10
CA ASP B 104 31.94 33.53 3.48
C ASP B 104 30.78 33.23 2.54
N ARG B 105 30.70 31.98 2.11
CA ARG B 105 29.52 31.55 1.37
C ARG B 105 28.30 31.44 2.27
N PHE B 106 28.48 30.96 3.49
CA PHE B 106 27.39 30.71 4.41
C PHE B 106 27.38 31.78 5.49
N ARG B 107 26.29 32.55 5.57
CA ARG B 107 26.21 33.67 6.51
C ARG B 107 24.86 33.66 7.21
N ASP B 108 24.89 33.63 8.55
CA ASP B 108 23.67 33.73 9.35
C ASP B 108 22.72 32.58 8.99
N ARG B 109 23.15 31.38 9.35
CA ARG B 109 22.47 30.16 8.92
C ARG B 109 22.81 29.01 9.85
N VAL B 110 21.86 28.08 9.95
CA VAL B 110 22.08 26.79 10.60
C VAL B 110 22.78 25.87 9.61
N MET B 111 23.81 25.18 10.08
CA MET B 111 24.75 24.45 9.22
C MET B 111 24.52 22.95 9.30
N PHE B 112 24.39 22.31 8.13
CA PHE B 112 24.16 20.88 8.01
C PHE B 112 25.31 20.28 7.20
N PRO B 113 26.37 19.83 7.85
CA PRO B 113 27.43 19.13 7.13
C PRO B 113 26.91 17.88 6.43
N ILE B 114 27.57 17.52 5.32
CA ILE B 114 27.21 16.39 4.48
C ILE B 114 28.44 15.48 4.38
N ARG B 115 28.26 14.18 4.62
CA ARG B 115 29.39 13.26 4.65
C ARG B 115 29.38 12.32 3.45
N ASP B 116 30.57 11.94 3.01
CA ASP B 116 30.73 10.95 1.96
C ASP B 116 30.67 9.55 2.58
N SER B 117 30.94 8.52 1.79
CA SER B 117 30.82 7.14 2.27
C SER B 117 31.72 6.91 3.49
N ARG B 118 32.89 7.54 3.53
CA ARG B 118 33.84 7.29 4.61
C ARG B 118 33.56 8.15 5.85
N GLY B 119 32.60 9.06 5.80
CA GLY B 119 32.33 9.94 6.93
C GLY B 119 33.02 11.29 6.89
N ARG B 120 33.65 11.65 5.77
CA ARG B 120 34.32 12.93 5.61
C ARG B 120 33.33 14.00 5.17
N ILE B 121 33.27 15.09 5.94
CA ILE B 121 32.49 16.26 5.52
C ILE B 121 32.96 16.71 4.16
N ILE B 122 32.03 16.84 3.22
CA ILE B 122 32.36 17.22 1.84
C ILE B 122 31.62 18.46 1.38
N ALA B 123 30.70 18.99 2.17
CA ALA B 123 29.83 20.06 1.73
C ALA B 123 28.92 20.39 2.91
N PHE B 124 28.13 21.43 2.75
CA PHE B 124 27.17 21.86 3.76
C PHE B 124 25.88 22.26 3.06
N GLY B 125 24.78 22.12 3.79
CA GLY B 125 23.60 22.92 3.55
C GLY B 125 23.45 23.92 4.69
N GLY B 126 22.69 24.97 4.47
CA GLY B 126 22.54 26.00 5.47
C GLY B 126 21.22 26.74 5.34
N ARG B 127 20.47 26.88 6.44
CA ARG B 127 19.18 27.54 6.41
C ARG B 127 19.27 28.93 7.02
N VAL B 128 18.72 29.93 6.31
CA VAL B 128 18.77 31.31 6.77
C VAL B 128 18.13 31.43 8.14
N LEU B 129 18.45 32.54 8.80
CA LEU B 129 17.69 33.06 9.91
C LEU B 129 17.13 34.45 9.63
N GLY B 130 17.85 35.28 8.88
CA GLY B 130 17.41 36.62 8.58
C GLY B 130 16.50 36.68 7.36
N ASP B 131 16.24 37.91 6.92
CA ASP B 131 15.37 38.16 5.77
C ASP B 131 16.09 37.98 4.44
N ASP B 132 17.26 37.35 4.44
CA ASP B 132 18.00 37.14 3.21
C ASP B 132 17.57 35.83 2.55
N LYS B 133 17.70 35.80 1.22
CA LYS B 133 17.37 34.65 0.41
C LYS B 133 18.63 34.14 -0.30
N PRO B 134 18.72 32.85 -0.62
CA PRO B 134 17.72 31.77 -0.50
C PRO B 134 17.55 31.22 0.90
N LYS B 135 16.36 30.70 1.19
CA LYS B 135 16.11 30.06 2.47
C LYS B 135 17.14 28.97 2.75
N TYR B 136 17.41 28.14 1.75
CA TYR B 136 18.35 27.04 1.88
C TYR B 136 19.48 27.24 0.88
N LEU B 137 20.71 27.05 1.34
CA LEU B 137 21.87 27.22 0.49
C LEU B 137 22.73 25.97 0.60
N ASN B 138 23.17 25.47 -0.55
CA ASN B 138 24.06 24.33 -0.60
C ASN B 138 25.44 24.77 -1.05
N SER B 139 26.40 23.91 -0.78
CA SER B 139 27.70 24.05 -1.38
C SER B 139 27.57 24.06 -2.89
N PRO B 140 28.44 24.79 -3.59
CA PRO B 140 28.48 24.68 -5.05
C PRO B 140 29.06 23.32 -5.45
N GLU B 141 29.04 23.05 -6.75
CA GLU B 141 29.76 21.87 -7.21
C GLU B 141 31.26 22.08 -6.98
N THR B 142 31.91 21.07 -6.40
CA THR B 142 33.33 21.10 -6.05
C THR B 142 33.92 19.73 -6.36
N PRO B 143 35.25 19.57 -6.26
CA PRO B 143 35.84 18.25 -6.52
C PRO B 143 35.42 17.16 -5.55
N VAL B 144 34.84 17.48 -4.40
CA VAL B 144 34.39 16.45 -3.48
C VAL B 144 32.87 16.45 -3.34
N PHE B 145 32.15 17.15 -4.22
CA PHE B 145 30.72 17.29 -4.02
C PHE B 145 30.02 17.57 -5.35
N HIS B 146 29.22 16.61 -5.81
CA HIS B 146 28.28 16.82 -6.91
C HIS B 146 26.87 16.58 -6.39
N LYS B 147 26.04 17.63 -6.44
CA LYS B 147 24.69 17.56 -5.87
C LYS B 147 23.86 16.47 -6.52
N GLY B 148 24.13 16.15 -7.80
CA GLY B 148 23.39 15.11 -8.48
C GLY B 148 23.73 13.70 -8.03
N GLN B 149 24.75 13.54 -7.19
CA GLN B 149 25.13 12.23 -6.70
C GLN B 149 25.04 12.09 -5.20
N GLU B 150 25.07 13.17 -4.46
CA GLU B 150 25.10 13.04 -3.00
C GLU B 150 23.69 13.13 -2.43
N LEU B 151 23.52 12.47 -1.30
CA LEU B 151 22.25 12.43 -0.59
C LEU B 151 22.53 12.73 0.88
N TYR B 152 21.89 13.77 1.40
CA TYR B 152 22.03 14.09 2.80
C TYR B 152 21.54 12.94 3.67
N GLY B 153 22.32 12.63 4.70
CA GLY B 153 21.94 11.59 5.66
C GLY B 153 22.27 10.18 5.22
N LEU B 154 22.78 10.01 3.99
CA LEU B 154 23.07 8.67 3.47
C LEU B 154 24.13 7.97 4.30
N TYR B 155 25.23 8.67 4.59
CA TYR B 155 26.26 8.10 5.44
C TYR B 155 25.68 7.65 6.77
N GLU B 156 24.85 8.50 7.38
CA GLU B 156 24.32 8.16 8.71
C GLU B 156 23.37 6.97 8.63
N ALA B 157 22.58 6.88 7.57
CA ALA B 157 21.64 5.76 7.48
C ALA B 157 22.40 4.44 7.40
N ARG B 158 23.52 4.43 6.69
CA ARG B 158 24.28 3.21 6.56
C ARG B 158 25.07 2.87 7.82
N GLN B 159 25.53 3.87 8.58
CA GLN B 159 26.18 3.61 9.86
C GLN B 159 25.24 2.97 10.86
N LYS B 160 23.95 3.31 10.80
CA LYS B 160 22.98 2.80 11.76
C LYS B 160 22.42 1.44 11.38
N ASN B 161 22.52 1.03 10.12
CA ASN B 161 22.00 -0.27 9.68
C ASN B 161 22.83 -0.77 8.49
N ARG B 162 23.50 -1.91 8.69
CA ARG B 162 24.38 -2.43 7.66
C ARG B 162 23.64 -3.20 6.57
N ASP B 163 22.50 -3.80 6.89
CA ASP B 163 21.68 -4.55 5.92
C ASP B 163 20.34 -3.87 5.73
N LEU B 164 20.35 -2.69 5.07
CA LEU B 164 19.12 -1.94 4.85
C LEU B 164 18.22 -2.63 3.82
N ASP B 165 16.93 -2.75 4.14
CA ASP B 165 15.94 -3.21 3.18
C ASP B 165 15.39 -2.08 2.33
N GLU B 166 15.50 -0.85 2.79
CA GLU B 166 14.78 0.26 2.16
C GLU B 166 15.38 1.57 2.63
N ILE B 167 15.45 2.51 1.71
CA ILE B 167 15.82 3.89 1.99
C ILE B 167 14.59 4.76 1.74
N MET B 168 14.34 5.69 2.64
CA MET B 168 13.29 6.67 2.50
C MET B 168 13.87 7.98 2.02
N VAL B 169 13.32 8.52 0.93
CA VAL B 169 13.79 9.79 0.37
C VAL B 169 12.77 10.88 0.72
N VAL B 170 13.25 11.94 1.36
CA VAL B 170 12.41 13.05 1.81
C VAL B 170 12.98 14.35 1.24
N GLU B 171 12.24 15.43 1.41
CA GLU B 171 12.63 16.66 0.71
C GLU B 171 13.70 17.48 1.44
N GLY B 172 13.74 17.49 2.77
CA GLY B 172 14.55 18.45 3.49
C GLY B 172 15.53 17.87 4.48
N TYR B 173 16.60 18.64 4.75
CA TYR B 173 17.54 18.32 5.81
C TYR B 173 16.81 18.04 7.13
N MET B 174 15.93 18.96 7.52
CA MET B 174 15.24 18.83 8.80
C MET B 174 14.31 17.62 8.81
N ASP B 175 13.81 17.23 7.63
CA ASP B 175 13.01 16.02 7.55
C ASP B 175 13.81 14.81 7.98
N VAL B 176 15.05 14.69 7.47
CA VAL B 176 15.93 13.57 7.84
C VAL B 176 16.20 13.58 9.35
N ILE B 177 16.51 14.74 9.89
CA ILE B 177 16.91 14.83 11.30
C ILE B 177 15.73 14.52 12.21
N ALA B 178 14.56 15.10 11.92
CA ALA B 178 13.35 14.82 12.69
C ALA B 178 12.97 13.35 12.66
N LEU B 179 13.03 12.72 11.49
CA LEU B 179 12.72 11.29 11.42
C LEU B 179 13.70 10.48 12.25
N ALA B 180 15.00 10.82 12.15
CA ALA B 180 16.02 10.10 12.90
C ALA B 180 15.79 10.21 14.39
N GLN B 181 15.55 11.43 14.89
CA GLN B 181 15.27 11.65 16.29
C GLN B 181 14.13 10.77 16.78
N GLN B 182 13.15 10.50 15.91
CA GLN B 182 11.97 9.71 16.28
C GLN B 182 12.16 8.23 15.99
N GLY B 183 13.36 7.78 15.67
CA GLY B 183 13.58 6.35 15.47
C GLY B 183 13.44 5.85 14.05
N ILE B 184 13.14 6.70 13.08
CA ILE B 184 13.10 6.32 11.67
C ILE B 184 14.43 6.76 11.09
N ARG B 185 15.31 5.79 10.85
CA ARG B 185 16.74 6.05 10.71
C ARG B 185 17.29 5.72 9.33
N ASN B 186 16.43 5.50 8.33
CA ASN B 186 16.85 5.22 6.96
C ASN B 186 16.38 6.30 5.98
N ALA B 187 16.24 7.54 6.44
CA ALA B 187 15.81 8.63 5.58
C ALA B 187 17.00 9.41 5.04
N VAL B 188 16.94 9.76 3.75
CA VAL B 188 17.91 10.65 3.14
C VAL B 188 17.18 11.73 2.35
N ALA B 189 17.91 12.79 2.01
CA ALA B 189 17.32 13.89 1.26
C ALA B 189 18.21 14.31 0.10
N THR B 190 17.54 14.56 -1.03
CA THR B 190 18.08 15.36 -2.12
C THR B 190 18.49 16.73 -1.60
N LEU B 191 19.49 17.31 -2.26
CA LEU B 191 20.11 18.55 -1.79
C LEU B 191 19.56 19.73 -2.58
N GLY B 192 18.31 20.08 -2.28
CA GLY B 192 17.66 21.20 -2.92
C GLY B 192 17.49 21.05 -4.41
N THR B 193 17.47 19.82 -4.90
CA THR B 193 17.33 19.52 -6.33
C THR B 193 16.33 18.40 -6.50
N ALA B 194 15.88 18.20 -7.74
CA ALA B 194 15.07 17.01 -8.01
C ALA B 194 15.97 15.78 -7.99
N THR B 195 15.41 14.68 -7.53
CA THR B 195 16.09 13.39 -7.59
C THR B 195 16.59 13.11 -9.00
N SER B 196 17.88 12.83 -9.12
CA SER B 196 18.49 12.50 -10.39
C SER B 196 18.43 11.01 -10.65
N GLU B 197 18.78 10.63 -11.87
CA GLU B 197 18.94 9.21 -12.19
C GLU B 197 20.12 8.61 -11.46
N GLU B 198 21.21 9.37 -11.32
CA GLU B 198 22.35 8.90 -10.56
C GLU B 198 21.98 8.64 -9.10
N HIS B 199 21.15 9.50 -8.51
CA HIS B 199 20.65 9.22 -7.17
C HIS B 199 19.97 7.86 -7.12
N ILE B 200 19.12 7.56 -8.11
CA ILE B 200 18.38 6.32 -8.10
C ILE B 200 19.32 5.13 -8.26
N LYS B 201 20.30 5.23 -9.17
CA LYS B 201 21.24 4.13 -9.34
C LYS B 201 22.00 3.84 -8.04
N ARG B 202 22.47 4.90 -7.36
CA ARG B 202 23.17 4.74 -6.08
C ARG B 202 22.31 4.04 -5.05
N LEU B 203 21.08 4.53 -4.83
CA LEU B 203 20.20 3.90 -3.87
C LEU B 203 19.94 2.43 -4.23
N PHE B 204 19.68 2.15 -5.51
CA PHE B 204 19.35 0.78 -5.91
C PHE B 204 20.55 -0.15 -5.82
N ARG B 205 21.77 0.39 -5.75
CA ARG B 205 22.93 -0.44 -5.44
C ARG B 205 22.99 -0.81 -3.96
N LEU B 206 22.32 -0.04 -3.11
CA LEU B 206 22.30 -0.28 -1.67
C LEU B 206 21.07 -1.05 -1.20
N VAL B 207 19.91 -0.85 -1.82
CA VAL B 207 18.67 -1.42 -1.31
C VAL B 207 17.79 -1.87 -2.48
N PRO B 208 16.91 -2.84 -2.24
CA PRO B 208 15.94 -3.20 -3.29
C PRO B 208 14.72 -2.31 -3.34
N SER B 209 14.57 -1.38 -2.39
CA SER B 209 13.33 -0.62 -2.28
C SER B 209 13.61 0.82 -1.88
N ILE B 210 12.92 1.76 -2.55
CA ILE B 210 12.96 3.18 -2.23
C ILE B 210 11.56 3.63 -1.88
N LEU B 211 11.41 4.26 -0.73
CA LEU B 211 10.18 4.97 -0.34
C LEU B 211 10.40 6.45 -0.54
N PHE B 212 9.59 7.08 -1.38
CA PHE B 212 9.56 8.52 -1.53
C PHE B 212 8.42 9.07 -0.69
N CYS B 213 8.72 10.12 0.06
CA CYS B 213 7.73 10.76 0.92
C CYS B 213 7.67 12.24 0.55
N PHE B 214 6.49 12.72 0.18
CA PHE B 214 6.39 14.07 -0.35
C PHE B 214 5.45 14.92 0.47
N ASP B 215 5.83 16.18 0.59
CA ASP B 215 5.09 17.11 1.41
C ASP B 215 3.71 17.37 0.80
N GLY B 216 2.84 17.89 1.64
CA GLY B 216 1.49 18.23 1.25
C GLY B 216 1.39 19.63 0.67
N ASP B 217 2.01 19.83 -0.49
CA ASP B 217 1.87 21.05 -1.25
C ASP B 217 2.16 20.74 -2.70
N GLN B 218 1.79 21.70 -3.57
CA GLN B 218 1.90 21.46 -5.02
C GLN B 218 3.33 21.09 -5.41
N ALA B 219 4.32 21.75 -4.80
CA ALA B 219 5.71 21.39 -5.04
C ALA B 219 5.94 19.90 -4.78
N GLY B 220 5.32 19.35 -3.75
CA GLY B 220 5.53 17.94 -3.43
C GLY B 220 4.98 17.03 -4.51
N ARG B 221 3.83 17.38 -5.07
CA ARG B 221 3.24 16.53 -6.11
C ARG B 221 4.06 16.63 -7.40
N LYS B 222 4.59 17.81 -7.70
CA LYS B 222 5.43 17.94 -8.89
C LYS B 222 6.75 17.21 -8.71
N ALA B 223 7.31 17.26 -7.51
CA ALA B 223 8.56 16.55 -7.26
C ALA B 223 8.37 15.03 -7.32
N ALA B 224 7.19 14.54 -6.94
CA ALA B 224 6.94 13.10 -7.06
C ALA B 224 6.97 12.65 -8.51
N TRP B 225 6.34 13.41 -9.40
CA TRP B 225 6.37 13.03 -10.80
C TRP B 225 7.77 13.17 -11.41
N ARG B 226 8.55 14.17 -10.97
CA ARG B 226 9.93 14.24 -11.45
C ARG B 226 10.71 13.04 -10.94
N ALA B 227 10.51 12.67 -9.69
CA ALA B 227 11.19 11.48 -9.18
C ALA B 227 10.79 10.24 -9.97
N LEU B 228 9.49 10.07 -10.23
CA LEU B 228 9.06 8.94 -11.05
C LEU B 228 9.78 8.92 -12.39
N GLU B 229 9.98 10.09 -12.99
CA GLU B 229 10.69 10.14 -14.27
C GLU B 229 12.15 9.73 -14.13
N SER B 230 12.78 10.03 -12.99
CA SER B 230 14.15 9.56 -12.78
C SER B 230 14.18 8.08 -12.49
N VAL B 231 13.10 7.55 -11.90
CA VAL B 231 13.07 6.15 -11.47
C VAL B 231 12.90 5.23 -12.66
N LEU B 232 11.95 5.54 -13.54
CA LEU B 232 11.57 4.62 -14.60
C LEU B 232 12.73 4.06 -15.39
N PRO B 233 13.68 4.86 -15.89
CA PRO B 233 14.78 4.28 -16.68
C PRO B 233 15.75 3.46 -15.85
N ASN B 234 15.50 3.28 -14.55
CA ASN B 234 16.37 2.48 -13.71
C ASN B 234 15.61 1.44 -12.92
N LEU B 235 14.34 1.17 -13.25
CA LEU B 235 13.55 0.21 -12.49
C LEU B 235 13.87 -1.20 -13.02
N GLN B 236 15.01 -1.72 -12.56
CA GLN B 236 15.42 -3.09 -12.85
C GLN B 236 14.52 -4.05 -12.09
N ASP B 237 14.44 -5.29 -12.59
CA ASP B 237 13.68 -6.30 -11.87
C ASP B 237 14.33 -6.54 -10.52
N GLY B 238 13.49 -6.77 -9.50
CA GLY B 238 13.97 -6.83 -8.13
C GLY B 238 14.04 -5.48 -7.42
N LYS B 239 13.79 -4.38 -8.12
CA LYS B 239 13.74 -3.07 -7.50
C LYS B 239 12.29 -2.62 -7.41
N ARG B 240 11.91 -2.06 -6.27
CA ARG B 240 10.58 -1.48 -6.14
C ARG B 240 10.66 -0.07 -5.56
N VAL B 241 9.68 0.73 -5.94
CA VAL B 241 9.52 2.10 -5.48
C VAL B 241 8.09 2.26 -5.00
N ARG B 242 7.90 3.00 -3.91
CA ARG B 242 6.57 3.41 -3.51
C ARG B 242 6.56 4.88 -3.11
N PHE B 243 5.37 5.47 -3.12
CA PHE B 243 5.22 6.89 -2.88
C PHE B 243 4.22 7.06 -1.75
N LEU B 244 4.59 7.91 -0.80
CA LEU B 244 3.70 8.33 0.28
C LEU B 244 3.55 9.84 0.16
N PHE B 245 2.31 10.30 0.04
CA PHE B 245 1.99 11.71 0.11
C PHE B 245 1.48 12.05 1.52
N LEU B 246 1.99 13.11 2.07
CA LEU B 246 1.55 13.53 3.38
C LEU B 246 0.37 14.49 3.25
N PRO B 247 -0.39 14.69 4.33
CA PRO B 247 -1.53 15.61 4.24
C PRO B 247 -1.10 17.03 3.90
N GLU B 248 -2.06 17.76 3.32
CA GLU B 248 -1.84 19.14 2.93
C GLU B 248 -1.24 19.96 4.07
N GLY B 249 -0.14 20.64 3.78
CA GLY B 249 0.52 21.49 4.75
C GLY B 249 1.54 20.77 5.61
N GLU B 250 1.72 19.48 5.43
CA GLU B 250 2.54 18.66 6.31
C GLU B 250 3.80 18.24 5.58
N ASP B 251 4.91 18.18 6.29
CA ASP B 251 6.13 17.56 5.78
C ASP B 251 6.57 16.55 6.82
N PRO B 252 7.52 15.66 6.48
CA PRO B 252 7.89 14.60 7.44
C PRO B 252 8.25 15.13 8.79
N ASP B 253 9.02 16.22 8.80
CA ASP B 253 9.43 16.88 10.03
C ASP B 253 8.23 17.19 10.94
N SER B 254 7.27 17.98 10.46
CA SER B 254 6.16 18.38 11.30
C SER B 254 5.25 17.21 11.63
N LEU B 255 5.16 16.22 10.74
CA LEU B 255 4.17 15.17 10.94
C LEU B 255 4.68 14.11 11.91
N VAL B 256 5.95 13.72 11.77
CA VAL B 256 6.48 12.71 12.69
C VAL B 256 6.51 13.27 14.11
N ARG B 257 6.78 14.58 14.25
CA ARG B 257 6.70 15.19 15.56
C ARG B 257 5.26 15.34 16.02
N ALA B 258 4.31 15.44 15.11
CA ALA B 258 2.94 15.59 15.57
C ALA B 258 2.36 14.26 16.09
N GLU B 259 2.59 13.16 15.36
CA GLU B 259 1.91 11.90 15.67
C GLU B 259 2.86 10.81 16.17
N GLY B 260 4.17 10.97 16.00
CA GLY B 260 5.12 10.03 16.54
C GLY B 260 5.48 8.91 15.59
N GLU B 261 6.52 8.17 15.98
CA GLU B 261 7.08 7.15 15.10
C GLU B 261 6.06 6.10 14.70
N ASP B 262 5.32 5.56 15.68
CA ASP B 262 4.42 4.45 15.41
C ASP B 262 3.32 4.83 14.44
N ALA B 263 2.71 5.99 14.65
CA ALA B 263 1.64 6.42 13.76
C ALA B 263 2.19 6.69 12.36
N PHE B 264 3.43 7.18 12.28
CA PHE B 264 4.01 7.47 10.97
C PHE B 264 4.36 6.19 10.22
N ARG B 265 4.88 5.18 10.92
CA ARG B 265 5.11 3.89 10.28
C ARG B 265 3.81 3.26 9.82
N ALA B 266 2.76 3.39 10.63
CA ALA B 266 1.46 2.87 10.22
C ALA B 266 0.88 3.65 9.05
N ARG B 267 1.13 4.97 9.02
CA ARG B 267 0.73 5.77 7.86
C ARG B 267 1.46 5.31 6.61
N ILE B 268 2.76 5.01 6.73
CA ILE B 268 3.46 4.42 5.60
C ILE B 268 2.76 3.14 5.15
N THR B 269 2.50 2.26 6.10
CA THR B 269 1.96 0.95 5.74
C THR B 269 0.60 1.08 5.07
N GLN B 270 -0.21 2.04 5.48
CA GLN B 270 -1.54 2.10 4.90
C GLN B 270 -1.67 3.02 3.68
N GLN B 271 -0.74 3.94 3.45
CA GLN B 271 -0.95 4.91 2.39
C GLN B 271 0.17 5.01 1.38
N ALA B 272 1.31 4.36 1.61
CA ALA B 272 2.31 4.30 0.56
C ALA B 272 1.71 3.56 -0.63
N GLN B 273 1.97 4.08 -1.82
CA GLN B 273 1.39 3.58 -3.07
C GLN B 273 2.43 2.83 -3.88
N PRO B 274 2.12 1.63 -4.38
CA PRO B 274 3.00 1.01 -5.39
C PRO B 274 3.11 1.93 -6.59
N LEU B 275 4.30 1.94 -7.22
CA LEU B 275 4.54 2.86 -8.33
C LEU B 275 3.51 2.68 -9.44
N ALA B 276 3.24 1.43 -9.83
CA ALA B 276 2.23 1.13 -10.84
C ALA B 276 0.90 1.82 -10.55
N GLU B 277 0.42 1.73 -9.29
CA GLU B 277 -0.87 2.33 -8.98
C GLU B 277 -0.77 3.84 -9.00
N TYR B 278 0.34 4.37 -8.51
CA TYR B 278 0.52 5.81 -8.53
C TYR B 278 0.61 6.32 -9.97
N PHE B 279 1.37 5.60 -10.80
CA PHE B 279 1.54 5.98 -12.19
C PHE B 279 0.21 6.07 -12.93
N PHE B 280 -0.58 4.99 -12.91
CA PHE B 280 -1.81 4.99 -13.70
C PHE B 280 -2.86 5.92 -13.10
N GLN B 281 -2.87 6.08 -11.79
CA GLN B 281 -3.88 6.98 -11.22
C GLN B 281 -3.58 8.43 -11.55
N GLN B 282 -2.30 8.79 -11.71
CA GLN B 282 -1.95 10.14 -12.18
C GLN B 282 -2.38 10.35 -13.63
N LEU B 283 -2.08 9.41 -14.50
CA LEU B 283 -2.46 9.54 -15.90
C LEU B 283 -3.97 9.61 -16.06
N MET B 284 -4.72 8.92 -15.18
CA MET B 284 -6.17 8.99 -15.24
C MET B 284 -6.71 10.39 -14.95
N LEU B 285 -5.95 11.23 -14.27
CA LEU B 285 -6.41 12.60 -14.09
C LEU B 285 -6.51 13.34 -15.42
N GLU B 286 -5.74 12.89 -16.40
CA GLU B 286 -5.65 13.54 -17.70
C GLU B 286 -6.38 12.76 -18.78
N ALA B 287 -6.91 11.59 -18.46
CA ALA B 287 -7.50 10.72 -19.47
C ALA B 287 -8.53 9.83 -18.80
N ASP B 288 -9.76 9.92 -19.27
CA ASP B 288 -10.85 9.09 -18.80
C ASP B 288 -10.72 7.70 -19.42
N PRO B 289 -10.38 6.67 -18.64
CA PRO B 289 -10.14 5.35 -19.26
C PRO B 289 -11.42 4.62 -19.67
N ALA B 290 -12.61 5.21 -19.48
CA ALA B 290 -13.86 4.60 -19.92
C ALA B 290 -14.42 5.25 -21.18
N THR B 291 -13.65 6.10 -21.84
CA THR B 291 -14.03 6.58 -23.17
C THR B 291 -12.98 6.11 -24.17
N LEU B 292 -13.40 5.97 -25.44
CA LEU B 292 -12.45 5.55 -26.46
C LEU B 292 -11.32 6.57 -26.61
N GLU B 293 -11.66 7.85 -26.61
CA GLU B 293 -10.64 8.88 -26.66
C GLU B 293 -9.76 8.86 -25.41
N GLY B 294 -10.37 8.69 -24.24
CA GLY B 294 -9.58 8.61 -23.02
C GLY B 294 -8.59 7.46 -23.05
N LYS B 295 -9.03 6.29 -23.53
CA LYS B 295 -8.14 5.14 -23.58
C LYS B 295 -6.97 5.42 -24.51
N ALA B 296 -7.25 6.01 -25.67
CA ALA B 296 -6.17 6.25 -26.62
C ALA B 296 -5.19 7.26 -26.05
N HIS B 297 -5.72 8.29 -25.39
CA HIS B 297 -4.86 9.34 -24.87
C HIS B 297 -4.02 8.84 -23.72
N LEU B 298 -4.60 7.97 -22.88
CA LEU B 298 -3.86 7.38 -21.76
C LEU B 298 -2.75 6.47 -22.28
N ALA B 299 -3.03 5.66 -23.31
CA ALA B 299 -1.97 4.87 -23.92
C ALA B 299 -0.89 5.77 -24.51
N THR B 300 -1.29 6.91 -25.08
CA THR B 300 -0.31 7.82 -25.68
C THR B 300 0.58 8.47 -24.62
N LEU B 301 0.00 8.91 -23.50
CA LEU B 301 0.84 9.46 -22.43
C LEU B 301 1.73 8.38 -21.82
N ALA B 302 1.19 7.18 -21.60
CA ALA B 302 1.89 6.17 -20.82
C ALA B 302 3.01 5.46 -21.59
N ALA B 303 2.83 5.26 -22.89
CA ALA B 303 3.72 4.34 -23.62
C ALA B 303 5.18 4.81 -23.62
N PRO B 304 5.51 6.07 -23.92
CA PRO B 304 6.94 6.46 -23.90
C PRO B 304 7.52 6.47 -22.51
N LEU B 305 6.65 6.65 -21.51
CA LEU B 305 7.11 6.58 -20.12
C LEU B 305 7.45 5.14 -19.73
N LEU B 306 6.50 4.22 -19.92
CA LEU B 306 6.74 2.82 -19.60
C LEU B 306 7.86 2.23 -20.43
N GLU B 307 8.01 2.70 -21.66
CA GLU B 307 9.04 2.16 -22.54
C GLU B 307 10.44 2.30 -21.96
N LYS B 308 10.65 3.22 -21.01
CA LYS B 308 11.95 3.41 -20.39
C LYS B 308 12.30 2.34 -19.34
N ILE B 309 11.31 1.60 -18.86
CA ILE B 309 11.57 0.63 -17.80
C ILE B 309 12.57 -0.41 -18.30
N PRO B 310 13.68 -0.63 -17.59
CA PRO B 310 14.64 -1.64 -18.08
C PRO B 310 14.32 -3.05 -17.68
N GLY B 311 13.55 -3.26 -16.60
CA GLY B 311 13.30 -4.61 -16.12
C GLY B 311 12.26 -5.39 -16.92
N ASN B 312 12.65 -6.54 -17.47
CA ASN B 312 11.76 -7.28 -18.37
C ASN B 312 10.43 -7.63 -17.70
N ASN B 313 10.49 -8.19 -16.49
CA ASN B 313 9.25 -8.60 -15.84
C ASN B 313 8.31 -7.41 -15.63
N LEU B 314 8.86 -6.27 -15.23
CA LEU B 314 8.05 -5.07 -15.03
C LEU B 314 7.53 -4.55 -16.37
N ARG B 315 8.35 -4.59 -17.41
CA ARG B 315 7.90 -4.18 -18.73
C ARG B 315 6.64 -4.92 -19.12
N LEU B 316 6.65 -6.25 -18.97
CA LEU B 316 5.49 -7.05 -19.33
C LEU B 316 4.32 -6.71 -18.43
N LEU B 317 4.58 -6.65 -17.12
CA LEU B 317 3.50 -6.38 -16.17
C LEU B 317 2.84 -5.03 -16.46
N MET B 318 3.63 -3.99 -16.76
CA MET B 318 3.07 -2.67 -16.98
C MET B 318 2.36 -2.60 -18.33
N ARG B 319 2.88 -3.32 -19.33
CA ARG B 319 2.17 -3.39 -20.61
C ARG B 319 0.84 -4.14 -20.47
N GLN B 320 0.82 -5.25 -19.74
CA GLN B 320 -0.45 -5.95 -19.51
C GLN B 320 -1.43 -5.04 -18.81
N ARG B 321 -0.96 -4.30 -17.82
CA ARG B 321 -1.84 -3.39 -17.11
C ARG B 321 -2.35 -2.30 -18.04
N LEU B 322 -1.48 -1.79 -18.92
CA LEU B 322 -1.94 -0.77 -19.87
C LEU B 322 -2.95 -1.34 -20.85
N SER B 323 -2.76 -2.59 -21.33
CA SER B 323 -3.77 -3.27 -22.14
C SER B 323 -5.11 -3.35 -21.43
N GLU B 324 -5.12 -3.72 -20.14
CA GLU B 324 -6.39 -3.85 -19.44
C GLU B 324 -7.11 -2.51 -19.38
N ILE B 325 -6.36 -1.44 -19.17
CA ILE B 325 -7.01 -0.13 -19.00
C ILE B 325 -7.52 0.38 -20.33
N THR B 326 -6.75 0.19 -21.41
CA THR B 326 -7.02 0.87 -22.66
C THR B 326 -7.68 -0.01 -23.71
N GLY B 327 -7.63 -1.34 -23.55
CA GLY B 327 -8.15 -2.21 -24.58
C GLY B 327 -7.21 -2.47 -25.73
N LEU B 328 -6.08 -1.78 -25.79
CA LEU B 328 -5.12 -2.00 -26.86
C LEU B 328 -4.33 -3.27 -26.61
N SER B 329 -3.98 -3.96 -27.69
CA SER B 329 -3.12 -5.14 -27.56
C SER B 329 -1.69 -4.72 -27.20
N GLY B 330 -0.96 -5.66 -26.58
CA GLY B 330 0.46 -5.45 -26.33
C GLY B 330 1.23 -5.02 -27.57
N GLU B 331 0.97 -5.70 -28.71
CA GLU B 331 1.61 -5.32 -29.97
C GLU B 331 1.30 -3.86 -30.33
N ASN B 332 0.03 -3.50 -30.26
CA ASN B 332 -0.38 -2.13 -30.54
C ASN B 332 0.32 -1.12 -29.61
N ILE B 333 0.48 -1.48 -28.33
CA ILE B 333 1.17 -0.61 -27.38
C ILE B 333 2.64 -0.44 -27.78
N GLY B 334 3.29 -1.53 -28.16
CA GLY B 334 4.67 -1.44 -28.63
C GLY B 334 4.83 -0.48 -29.80
N GLN B 335 3.92 -0.53 -30.77
CA GLN B 335 3.97 0.41 -31.90
C GLN B 335 3.80 1.86 -31.44
N LEU B 336 3.03 2.09 -30.39
CA LEU B 336 2.81 3.45 -29.91
C LEU B 336 4.10 4.04 -29.34
N ALA B 337 4.75 3.30 -28.44
CA ALA B 337 5.95 3.74 -27.74
C ALA B 337 7.12 3.99 -28.68
N HIS B 338 6.93 3.76 -29.98
CA HIS B 338 7.92 4.03 -31.03
C HIS B 338 7.31 4.90 -32.13
N HIS B 339 6.60 5.94 -31.73
CA HIS B 339 5.98 6.87 -32.69
C HIS B 339 5.78 8.24 -32.04
#